data_5F7Y
#
_entry.id   5F7Y
#
_cell.length_a   50.870
_cell.length_b   131.710
_cell.length_c   123.610
_cell.angle_alpha   90.00
_cell.angle_beta   94.69
_cell.angle_gamma   90.00
#
_symmetry.space_group_name_H-M   'P 1 21 1'
#
loop_
_entity.id
_entity.type
_entity.pdbx_description
1 polymer 'Adhesin binding fucosylated histo-blood group antigen'
2 polymer 'Adhesin binding fucosylated histo-blood group antigen'
3 polymer 'Nanobody Nb-ER19'
4 branched alpha-L-fucopyranose-(1-2)-[2-acetamido-2-deoxy-alpha-D-galactopyranose-(1-3)]beta-D-galactopyranose-(1-3)-2-acetamido-2-deoxy-beta-D-glucopyranose-(1-3)-beta-D-galactopyranose-(1-4)-alpha-D-glucopyranose
5 water water
#
loop_
_entity_poly.entity_id
_entity_poly.type
_entity_poly.pdbx_seq_one_letter_code
_entity_poly.pdbx_strand_id
1 'polypeptide(L)'
;ASWSHPQFEKSGGGGGLVPRGSGIQDLSDNYENLSKLLTRYSTLNTLIKLSADPSAINAARENLGASAKNLIGDTKNSPA
YQAVLLAINAAVGFWNVLGYATQCGGNANGQESTSSTTIFNNEPGYRSTSITCSLNRYKPGYYGPMSIENFKKLNEAYQI
LQTALNKGLPALKENNGTVSVTYTYTCSGEGNDNCSKKATGVSDQNGGTKTKTQTIDGKTVTTKISSKVVDSQAKGNTTR
VSYTEITNKLDGVPDSAQALLAQASTLINTINTACPYFSVTNKSGGPQMEPTRGKLCGFTEEISAIQKMITDAQELVNQT
SVINEHEQSTPVGGNNGKPFNPFTDASFAQGMLANASAQAKMLNLAHQVGQTINPDNLTGTFKNFVTGFLATCNNKSTAG
TSGTQGSPPGTVTTQTFASGCAYVEQTITNLNNSIAHFGTQEQQIQQAENIADTLVNFGSHHHHHH
;
A
2 'polypeptide(L)'
;ASWSHPQFEKSGGGGGLVPRGSGIQDLSDNYENLSKLLTRYSTLNTLIKLSADPSAINAARENLGASAKNLIGDTKNSPA
YQAVLLAINAAVGFWNVLGYATQCGGNANGQESTSSTTIFNNEPGYRSTSITCSLNRYKPGYYGPMSIENFKKLNEAYQI
LQTALNKGLPALKENNGTVSVTYTYTCSGEGNDNCSKKATGVSDQNGGTKTKTQTIDGKTVTTTISSKVVDSQAKGNTTR
VSYTEITNKLDGVPDSAQALLAQASTLINTINTACPYFSVTNKSGGPQMEPTRGKLCGFTEEISAIQKMITDAQELVNQT
SVINEHEQSTPVGGNNGKPFNPFTDASFAQGMLANASAQAKMLNLAHQVGQTINPDNLTGTFKNFVTGFLATCNNKSTAG
TSGTQGSPPGTVTTQTFASGCAYVEQTITNLNNSIAHFGTQEQQIQQAENIADTLVNFGSHHHHHH
;
B
3 'polypeptide(L)'
;QVQLQESGGGLVQPGGSLRLSCAASGSIFSGNVMGWYRQAPGKLREWVAAITPQGVPNYADSVKGRFTISRDNAKNMLYL
QMSSLKPEDTALYYCNRLPNYRSWGQGTQVTVSSHHHHHH
;
C,D
#
# COMPACT_ATOMS: atom_id res chain seq x y z
N ASN A 33 -67.66 -10.22 -29.87
CA ASN A 33 -68.39 -9.38 -28.89
C ASN A 33 -67.57 -8.93 -27.67
N LEU A 34 -67.81 -7.74 -27.12
CA LEU A 34 -66.89 -7.19 -26.13
C LEU A 34 -67.28 -7.40 -24.68
N SER A 35 -68.56 -7.45 -24.38
CA SER A 35 -68.98 -7.89 -23.05
C SER A 35 -68.38 -9.27 -22.75
N LYS A 36 -68.34 -10.15 -23.76
CA LYS A 36 -67.78 -11.48 -23.59
C LYS A 36 -66.26 -11.44 -23.28
N LEU A 37 -65.52 -10.52 -23.89
CA LEU A 37 -64.12 -10.31 -23.51
C LEU A 37 -63.92 -9.89 -22.05
N LEU A 38 -64.60 -8.80 -21.70
CA LEU A 38 -64.44 -8.17 -20.40
C LEU A 38 -65.00 -9.01 -19.25
N THR A 39 -65.65 -10.11 -19.60
CA THR A 39 -66.01 -11.13 -18.63
C THR A 39 -64.76 -11.91 -18.21
N ARG A 40 -64.07 -12.57 -19.15
CA ARG A 40 -62.87 -13.34 -18.75
C ARG A 40 -61.67 -12.46 -18.39
N TYR A 41 -61.56 -11.23 -18.92
CA TYR A 41 -60.37 -10.40 -18.63
C TYR A 41 -60.73 -9.07 -18.01
N SER A 42 -61.19 -9.10 -16.76
CA SER A 42 -61.74 -7.87 -16.15
C SER A 42 -60.66 -6.81 -15.90
N THR A 43 -59.41 -7.25 -15.88
CA THR A 43 -58.28 -6.35 -15.89
C THR A 43 -58.28 -5.42 -17.13
N LEU A 44 -58.92 -5.90 -18.19
CA LEU A 44 -58.98 -5.14 -19.42
C LEU A 44 -60.06 -4.08 -19.37
N ASN A 45 -61.15 -4.42 -18.71
CA ASN A 45 -62.18 -3.46 -18.46
C ASN A 45 -61.66 -2.30 -17.64
N THR A 46 -60.81 -2.57 -16.63
CA THR A 46 -60.24 -1.49 -15.85
C THR A 46 -59.32 -0.62 -16.72
N LEU A 47 -58.56 -1.24 -17.59
CA LEU A 47 -57.63 -0.50 -18.42
C LEU A 47 -58.35 0.46 -19.34
N ILE A 48 -59.52 0.10 -19.80
CA ILE A 48 -60.22 0.93 -20.74
C ILE A 48 -60.86 2.08 -20.02
N LYS A 49 -61.40 1.82 -18.84
CA LYS A 49 -61.89 2.88 -18.00
C LYS A 49 -60.77 3.91 -17.67
N LEU A 50 -59.55 3.45 -17.42
CA LEU A 50 -58.43 4.35 -17.12
C LEU A 50 -57.99 5.19 -18.34
N SER A 51 -58.04 4.59 -19.51
CA SER A 51 -57.71 5.25 -20.74
C SER A 51 -58.70 6.29 -21.17
N ALA A 52 -59.90 6.27 -20.64
CA ALA A 52 -60.88 7.28 -20.97
C ALA A 52 -60.90 8.45 -19.98
N ASP A 53 -60.01 8.41 -18.99
CA ASP A 53 -60.06 9.32 -17.88
C ASP A 53 -58.77 10.14 -17.84
N PRO A 54 -58.83 11.43 -18.18
CA PRO A 54 -57.62 12.27 -18.17
C PRO A 54 -56.94 12.28 -16.82
N SER A 55 -57.72 12.25 -15.77
CA SER A 55 -57.10 12.25 -14.46
C SER A 55 -56.21 10.99 -14.21
N ALA A 56 -56.62 9.81 -14.68
CA ALA A 56 -55.76 8.61 -14.59
C ALA A 56 -54.59 8.62 -15.57
N ILE A 57 -54.80 9.20 -16.74
CA ILE A 57 -53.77 9.33 -17.73
C ILE A 57 -52.69 10.28 -17.20
N ASN A 58 -53.09 11.43 -16.71
CA ASN A 58 -52.13 12.37 -16.05
C ASN A 58 -51.37 11.79 -14.86
N ALA A 59 -52.03 11.00 -14.02
CA ALA A 59 -51.36 10.30 -12.95
C ALA A 59 -50.31 9.36 -13.55
N ALA A 60 -50.66 8.66 -14.62
CA ALA A 60 -49.68 7.73 -15.17
C ALA A 60 -48.49 8.51 -15.75
N ARG A 61 -48.77 9.69 -16.30
CA ARG A 61 -47.69 10.50 -16.84
C ARG A 61 -46.78 11.07 -15.77
N GLU A 62 -47.31 11.49 -14.64
CA GLU A 62 -46.50 11.85 -13.49
C GLU A 62 -45.61 10.70 -13.06
N ASN A 63 -46.17 9.51 -12.95
CA ASN A 63 -45.36 8.35 -12.58
C ASN A 63 -44.20 8.10 -13.51
N LEU A 64 -44.40 8.30 -14.81
CA LEU A 64 -43.31 8.15 -15.77
C LEU A 64 -42.21 9.16 -15.54
N GLY A 65 -42.55 10.40 -15.19
CA GLY A 65 -41.55 11.39 -14.84
C GLY A 65 -40.77 10.96 -13.59
N ALA A 66 -41.45 10.44 -12.59
CA ALA A 66 -40.74 10.04 -11.34
C ALA A 66 -39.89 8.79 -11.57
N SER A 67 -40.36 7.85 -12.38
CA SER A 67 -39.53 6.69 -12.59
C SER A 67 -38.35 7.02 -13.51
N ALA A 68 -38.51 8.02 -14.37
CA ALA A 68 -37.41 8.47 -15.21
C ALA A 68 -36.30 9.07 -14.35
N LYS A 69 -36.60 10.00 -13.44
CA LYS A 69 -35.63 10.51 -12.46
C LYS A 69 -34.91 9.39 -11.71
N ASN A 70 -35.64 8.39 -11.23
CA ASN A 70 -35.02 7.25 -10.59
C ASN A 70 -34.05 6.55 -11.49
N LEU A 71 -34.38 6.38 -12.76
CA LEU A 71 -33.53 5.61 -13.65
C LEU A 71 -32.33 6.44 -14.14
N ILE A 72 -32.53 7.68 -14.54
CA ILE A 72 -31.45 8.44 -15.14
C ILE A 72 -30.89 9.57 -14.28
N GLY A 73 -31.56 9.92 -13.22
CA GLY A 73 -31.05 10.95 -12.30
C GLY A 73 -30.40 10.43 -11.02
N ASP A 74 -30.57 9.16 -10.65
CA ASP A 74 -30.08 8.62 -9.36
C ASP A 74 -28.93 7.66 -9.61
N THR A 75 -28.23 7.32 -8.55
CA THR A 75 -27.11 6.42 -8.65
C THR A 75 -27.40 5.12 -7.90
N LYS A 76 -27.24 5.13 -6.57
CA LYS A 76 -27.46 3.92 -5.78
C LYS A 76 -28.79 3.18 -6.04
N ASN A 77 -29.87 3.91 -6.21
CA ASN A 77 -31.17 3.30 -6.45
C ASN A 77 -31.57 3.14 -7.92
N SER A 78 -30.66 3.38 -8.87
CA SER A 78 -30.97 3.17 -10.25
C SER A 78 -30.43 1.83 -10.72
N PRO A 79 -31.31 0.95 -11.15
CA PRO A 79 -30.88 -0.28 -11.73
C PRO A 79 -30.01 -0.05 -12.93
N ALA A 80 -30.33 1.01 -13.63
CA ALA A 80 -29.66 1.34 -14.86
C ALA A 80 -28.23 1.74 -14.57
N TYR A 81 -28.06 2.62 -13.59
CA TYR A 81 -26.74 3.01 -13.17
C TYR A 81 -25.96 1.80 -12.70
N GLN A 82 -26.54 0.95 -11.86
CA GLN A 82 -25.80 -0.19 -11.33
C GLN A 82 -25.31 -1.15 -12.45
N ALA A 83 -26.11 -1.34 -13.48
CA ALA A 83 -25.75 -2.26 -14.56
C ALA A 83 -24.63 -1.68 -15.46
N VAL A 84 -24.68 -0.37 -15.70
CA VAL A 84 -23.58 0.29 -16.39
C VAL A 84 -22.31 0.13 -15.60
N LEU A 85 -22.38 0.42 -14.31
CA LEU A 85 -21.22 0.24 -13.44
C LEU A 85 -20.71 -1.19 -13.50
N LEU A 86 -21.61 -2.15 -13.59
CA LEU A 86 -21.19 -3.54 -13.56
C LEU A 86 -20.46 -3.94 -14.81
N ALA A 87 -20.97 -3.45 -15.93
CA ALA A 87 -20.37 -3.74 -17.20
C ALA A 87 -18.93 -3.15 -17.28
N ILE A 88 -18.73 -1.97 -16.73
CA ILE A 88 -17.44 -1.36 -16.72
C ILE A 88 -16.51 -2.07 -15.75
N ASN A 89 -16.96 -2.37 -14.56
CA ASN A 89 -16.10 -3.04 -13.63
C ASN A 89 -15.74 -4.44 -14.06
N ALA A 90 -16.57 -5.10 -14.84
CA ALA A 90 -16.22 -6.45 -15.27
C ALA A 90 -15.07 -6.38 -16.28
N ALA A 91 -15.06 -5.39 -17.14
CA ALA A 91 -13.99 -5.22 -18.10
C ALA A 91 -12.68 -4.90 -17.41
N VAL A 92 -12.70 -3.89 -16.57
CA VAL A 92 -11.54 -3.55 -15.76
C VAL A 92 -11.09 -4.74 -14.92
N GLY A 93 -12.02 -5.42 -14.29
CA GLY A 93 -11.66 -6.55 -13.48
C GLY A 93 -10.96 -7.63 -14.28
N PHE A 94 -11.39 -7.83 -15.50
CA PHE A 94 -10.83 -8.90 -16.29
C PHE A 94 -9.31 -8.62 -16.48
N TRP A 95 -8.96 -7.39 -16.84
CA TRP A 95 -7.55 -7.03 -16.99
C TRP A 95 -6.82 -7.07 -15.68
N ASN A 96 -7.45 -6.67 -14.58
CA ASN A 96 -6.77 -6.78 -13.29
C ASN A 96 -6.44 -8.27 -13.00
N VAL A 97 -7.26 -9.21 -13.47
CA VAL A 97 -6.97 -10.61 -13.21
C VAL A 97 -5.79 -11.12 -14.04
N LEU A 98 -5.74 -10.76 -15.34
CA LEU A 98 -4.81 -11.39 -16.29
C LEU A 98 -3.66 -10.55 -16.80
N GLY A 99 -3.72 -9.27 -16.54
CA GLY A 99 -2.72 -8.35 -17.06
C GLY A 99 -1.31 -8.77 -16.71
N TYR A 100 -1.06 -9.13 -15.48
CA TYR A 100 0.26 -9.48 -15.05
C TYR A 100 0.82 -10.70 -15.76
N ALA A 101 -0.03 -11.50 -16.35
CA ALA A 101 0.42 -12.76 -16.92
C ALA A 101 0.72 -12.64 -18.43
N THR A 102 0.46 -11.46 -18.98
CA THR A 102 0.31 -11.28 -20.43
C THR A 102 1.64 -10.87 -21.02
N GLN A 103 2.15 -11.54 -22.05
CA GLN A 103 3.48 -11.15 -22.65
C GLN A 103 3.26 -9.88 -23.40
N CYS A 104 4.19 -8.94 -23.31
CA CYS A 104 4.23 -7.80 -24.28
C CYS A 104 5.63 -7.44 -24.54
N GLY A 105 5.85 -6.76 -25.66
CA GLY A 105 7.19 -6.35 -26.03
C GLY A 105 7.31 -5.86 -27.45
N GLY A 106 8.55 -5.76 -27.91
CA GLY A 106 8.82 -5.26 -29.25
C GLY A 106 9.01 -3.74 -29.31
N ASN A 107 9.07 -3.25 -30.52
CA ASN A 107 9.28 -1.88 -30.84
C ASN A 107 8.02 -1.27 -31.43
N ALA A 108 8.15 -0.10 -32.00
CA ALA A 108 7.03 0.78 -32.25
C ALA A 108 6.16 0.37 -33.42
N ASN A 109 6.67 -0.39 -34.34
CA ASN A 109 5.76 -0.53 -35.47
C ASN A 109 5.06 -1.88 -35.46
N GLY A 110 4.85 -2.38 -34.25
CA GLY A 110 4.60 -3.79 -33.98
C GLY A 110 5.72 -4.75 -34.33
N GLN A 111 6.91 -4.24 -34.43
CA GLN A 111 8.06 -5.01 -34.86
C GLN A 111 8.68 -5.66 -33.67
N GLU A 112 9.36 -6.76 -33.89
CA GLU A 112 10.17 -7.35 -32.84
C GLU A 112 11.32 -6.44 -32.47
N SER A 113 11.82 -6.58 -31.25
CA SER A 113 12.92 -5.79 -30.74
C SER A 113 14.08 -6.67 -30.35
N THR A 114 15.28 -6.10 -30.26
CA THR A 114 16.43 -6.86 -29.83
C THR A 114 16.62 -6.72 -28.33
N SER A 115 16.43 -5.53 -27.79
CA SER A 115 16.56 -5.34 -26.34
C SER A 115 15.81 -4.13 -25.81
N SER A 116 14.48 -4.22 -25.77
CA SER A 116 13.65 -3.09 -25.39
C SER A 116 12.86 -3.48 -24.18
N THR A 117 12.94 -2.67 -23.13
CA THR A 117 12.06 -2.78 -21.98
C THR A 117 11.22 -1.52 -21.93
N THR A 118 9.91 -1.68 -21.93
CA THR A 118 8.98 -0.56 -21.88
C THR A 118 8.03 -0.83 -20.73
N ILE A 119 8.00 0.06 -19.76
CA ILE A 119 7.25 -0.17 -18.53
C ILE A 119 6.09 0.82 -18.39
N PHE A 120 4.91 0.32 -18.09
CA PHE A 120 3.74 1.15 -17.98
C PHE A 120 3.31 1.30 -16.57
N ASN A 121 3.30 2.53 -16.02
CA ASN A 121 2.92 2.70 -14.63
C ASN A 121 1.42 2.66 -14.34
N ASN A 122 1.08 2.47 -13.07
CA ASN A 122 -0.28 2.32 -12.58
C ASN A 122 -1.03 1.25 -13.37
N GLU A 123 -0.39 0.09 -13.45
CA GLU A 123 -0.89 -1.12 -14.09
C GLU A 123 -0.63 -2.32 -13.17
N PRO A 124 -1.51 -3.33 -13.21
CA PRO A 124 -1.45 -4.35 -12.16
C PRO A 124 -0.52 -5.48 -12.52
N GLY A 125 0.75 -5.27 -12.32
CA GLY A 125 1.74 -6.25 -12.60
C GLY A 125 1.98 -7.16 -11.41
N TYR A 126 2.89 -8.12 -11.58
CA TYR A 126 3.19 -9.14 -10.62
C TYR A 126 3.91 -8.49 -9.49
N ARG A 127 3.33 -8.50 -8.31
CA ARG A 127 3.92 -7.87 -7.11
C ARG A 127 4.39 -6.48 -7.45
N SER A 128 3.59 -5.75 -8.20
CA SER A 128 4.06 -4.46 -8.69
C SER A 128 2.93 -3.60 -9.16
N THR A 129 3.16 -2.29 -9.18
CA THR A 129 2.18 -1.37 -9.68
C THR A 129 2.51 -0.94 -11.08
N SER A 130 3.42 -1.66 -11.72
CA SER A 130 3.70 -1.52 -13.14
C SER A 130 3.70 -2.83 -13.91
N ILE A 131 3.48 -2.72 -15.22
CA ILE A 131 3.59 -3.86 -16.08
C ILE A 131 4.71 -3.59 -17.04
N THR A 132 5.59 -4.57 -17.16
CA THR A 132 6.83 -4.47 -17.91
C THR A 132 6.73 -5.22 -19.21
N CYS A 133 6.96 -4.56 -20.32
CA CYS A 133 6.96 -5.24 -21.61
C CYS A 133 8.38 -5.46 -22.11
N SER A 134 8.93 -6.63 -21.89
CA SER A 134 10.35 -6.81 -22.21
C SER A 134 10.66 -8.09 -23.00
N LEU A 135 9.65 -8.59 -23.73
CA LEU A 135 9.86 -9.79 -24.56
C LEU A 135 10.45 -9.48 -25.95
N ASN A 136 11.68 -9.88 -26.14
CA ASN A 136 12.39 -9.61 -27.36
C ASN A 136 12.44 -10.78 -28.33
N ARG A 137 12.73 -10.44 -29.59
CA ARG A 137 12.96 -11.37 -30.70
C ARG A 137 11.73 -11.96 -31.26
N TYR A 138 10.76 -12.30 -30.44
CA TYR A 138 9.48 -12.80 -30.89
C TYR A 138 8.69 -11.69 -31.58
N LYS A 139 8.08 -12.02 -32.72
CA LYS A 139 7.20 -11.08 -33.33
C LYS A 139 5.89 -10.89 -32.51
N PRO A 140 5.54 -9.63 -32.24
CA PRO A 140 4.26 -9.31 -31.67
C PRO A 140 3.11 -9.78 -32.51
N GLY A 141 2.03 -10.23 -31.88
CA GLY A 141 0.94 -10.83 -32.62
C GLY A 141 0.23 -11.90 -31.80
N TYR A 142 -0.61 -12.61 -32.51
CA TYR A 142 -1.51 -13.59 -31.99
C TYR A 142 -0.75 -14.74 -31.29
N TYR A 143 -1.14 -15.06 -30.06
CA TYR A 143 -0.45 -16.11 -29.32
C TYR A 143 1.03 -15.77 -29.23
N GLY A 144 1.34 -14.49 -29.29
CA GLY A 144 2.65 -14.03 -28.90
C GLY A 144 2.55 -12.79 -28.05
N PRO A 145 3.58 -12.00 -28.05
CA PRO A 145 3.48 -10.81 -27.24
C PRO A 145 2.56 -9.77 -27.78
N MET A 146 1.95 -9.01 -26.88
CA MET A 146 1.18 -7.86 -27.30
C MET A 146 2.11 -6.76 -27.78
N SER A 147 1.81 -6.18 -28.93
CA SER A 147 2.61 -5.06 -29.35
C SER A 147 2.43 -3.90 -28.42
N ILE A 148 3.42 -3.04 -28.37
CA ILE A 148 3.34 -1.83 -27.59
C ILE A 148 2.24 -0.89 -28.11
N GLU A 149 1.92 -0.94 -29.38
CA GLU A 149 0.83 -0.16 -29.95
C GLU A 149 -0.50 -0.61 -29.32
N ASN A 150 -0.78 -1.91 -29.27
CA ASN A 150 -1.96 -2.35 -28.59
C ASN A 150 -1.91 -2.06 -27.10
N PHE A 151 -0.76 -2.23 -26.49
CA PHE A 151 -0.73 -2.02 -25.07
C PHE A 151 -1.00 -0.54 -24.76
N LYS A 152 -0.43 0.38 -25.50
CA LYS A 152 -0.76 1.80 -25.29
C LYS A 152 -2.24 2.11 -25.38
N LYS A 153 -2.90 1.46 -26.32
CA LYS A 153 -4.30 1.70 -26.57
C LYS A 153 -5.09 1.13 -25.37
N LEU A 154 -4.67 -0.03 -24.92
CA LEU A 154 -5.25 -0.67 -23.77
C LEU A 154 -4.99 0.11 -22.50
N ASN A 155 -3.75 0.54 -22.32
CA ASN A 155 -3.39 1.21 -21.10
C ASN A 155 -4.17 2.55 -20.99
N GLU A 156 -4.26 3.27 -22.07
CA GLU A 156 -4.99 4.54 -22.00
C GLU A 156 -6.46 4.33 -21.59
N ALA A 157 -7.13 3.33 -22.14
CA ALA A 157 -8.49 3.05 -21.75
C ALA A 157 -8.55 2.66 -20.28
N TYR A 158 -7.58 1.88 -19.83
CA TYR A 158 -7.56 1.43 -18.45
C TYR A 158 -7.40 2.60 -17.48
N GLN A 159 -6.54 3.54 -17.80
CA GLN A 159 -6.27 4.63 -16.91
C GLN A 159 -7.46 5.56 -16.87
N ILE A 160 -8.12 5.73 -17.99
CA ILE A 160 -9.26 6.57 -17.98
C ILE A 160 -10.36 5.91 -17.14
N LEU A 161 -10.59 4.63 -17.34
CA LEU A 161 -11.61 3.94 -16.58
C LEU A 161 -11.27 3.99 -15.13
N GLN A 162 -10.03 3.77 -14.77
CA GLN A 162 -9.71 3.70 -13.36
C GLN A 162 -9.86 5.07 -12.70
N THR A 163 -9.55 6.15 -13.41
CA THR A 163 -9.68 7.48 -12.83
C THR A 163 -11.14 7.81 -12.66
N ALA A 164 -11.96 7.49 -13.63
CA ALA A 164 -13.40 7.72 -13.52
C ALA A 164 -14.07 6.90 -12.41
N LEU A 165 -13.75 5.62 -12.30
CA LEU A 165 -14.31 4.79 -11.24
C LEU A 165 -13.93 5.35 -9.89
N ASN A 166 -12.73 5.88 -9.79
CA ASN A 166 -12.25 6.37 -8.56
C ASN A 166 -12.99 7.63 -8.13
N LYS A 167 -13.32 8.48 -9.08
CA LYS A 167 -14.00 9.72 -8.76
C LYS A 167 -15.50 9.43 -8.55
N GLY A 168 -16.00 8.35 -9.16
CA GLY A 168 -17.40 7.94 -9.07
C GLY A 168 -18.12 8.30 -10.37
N LEU A 169 -18.85 7.37 -10.94
CA LEU A 169 -19.56 7.65 -12.18
C LEU A 169 -20.75 8.51 -11.89
N PRO A 170 -21.09 9.39 -12.83
CA PRO A 170 -22.22 10.27 -12.62
C PRO A 170 -23.52 9.59 -13.07
N ALA A 171 -24.65 10.19 -12.75
CA ALA A 171 -25.93 9.64 -13.19
C ALA A 171 -26.03 9.65 -14.71
N LEU A 172 -26.82 8.75 -15.25
CA LEU A 172 -26.93 8.59 -16.71
C LEU A 172 -27.35 9.86 -17.48
N LYS A 173 -28.01 10.80 -16.82
CA LYS A 173 -28.45 11.97 -17.51
C LYS A 173 -27.32 13.00 -17.60
N GLU A 174 -26.28 12.85 -16.76
CA GLU A 174 -25.11 13.78 -16.81
C GLU A 174 -24.17 13.45 -17.97
N ASN A 175 -24.30 14.17 -19.07
CA ASN A 175 -23.49 13.91 -20.25
C ASN A 175 -22.39 14.89 -20.51
N ASN A 176 -22.21 15.94 -19.71
CA ASN A 176 -21.11 16.91 -19.96
C ASN A 176 -20.05 16.97 -18.86
N GLY A 177 -19.96 15.96 -18.02
CA GLY A 177 -18.86 15.88 -17.07
C GLY A 177 -17.57 15.42 -17.77
N THR A 178 -16.46 15.87 -17.23
CA THR A 178 -15.17 15.47 -17.74
C THR A 178 -14.26 15.08 -16.57
N VAL A 179 -13.22 14.34 -16.88
CA VAL A 179 -12.21 14.02 -15.90
C VAL A 179 -10.83 14.33 -16.51
N SER A 180 -9.87 14.63 -15.64
CA SER A 180 -8.46 14.67 -16.03
C SER A 180 -7.72 13.39 -15.66
N VAL A 181 -6.82 12.95 -16.52
CA VAL A 181 -6.15 11.66 -16.38
C VAL A 181 -4.67 11.83 -16.69
N THR A 182 -3.80 11.26 -15.89
CA THR A 182 -2.36 11.38 -16.12
C THR A 182 -1.73 10.03 -15.99
N TYR A 183 -0.81 9.69 -16.88
CA TYR A 183 -0.18 8.39 -16.79
C TYR A 183 1.20 8.46 -17.38
N THR A 184 2.06 7.49 -17.06
CA THR A 184 3.46 7.56 -17.46
C THR A 184 3.91 6.19 -17.92
N TYR A 185 4.88 6.19 -18.84
CA TYR A 185 5.61 4.98 -19.18
C TYR A 185 7.05 5.29 -19.47
N THR A 186 7.90 4.27 -19.40
CA THR A 186 9.29 4.44 -19.60
C THR A 186 9.81 3.45 -20.62
N CYS A 187 10.88 3.84 -21.31
CA CYS A 187 11.61 3.06 -22.31
C CYS A 187 13.04 2.96 -21.95
N SER A 188 13.58 1.76 -21.93
CA SER A 188 15.03 1.58 -21.80
C SER A 188 15.48 0.48 -22.74
N GLY A 189 16.78 0.30 -22.83
CA GLY A 189 17.40 -0.64 -23.71
C GLY A 189 17.88 -0.04 -25.01
N GLU A 190 19.00 -0.57 -25.52
CA GLU A 190 19.51 -0.20 -26.83
C GLU A 190 18.49 -0.51 -27.92
N GLY A 191 18.20 0.47 -28.76
CA GLY A 191 17.30 0.30 -29.89
C GLY A 191 15.84 0.60 -29.57
N ASN A 192 15.51 0.90 -28.32
CA ASN A 192 14.08 1.03 -27.94
C ASN A 192 13.55 2.34 -28.47
N ASP A 193 12.56 2.25 -29.35
CA ASP A 193 12.01 3.42 -30.03
C ASP A 193 10.58 3.74 -29.57
N ASN A 194 10.10 3.08 -28.55
CA ASN A 194 8.74 3.32 -28.15
C ASN A 194 8.49 4.67 -27.47
N CYS A 195 9.54 5.45 -27.22
CA CYS A 195 9.39 6.77 -26.65
C CYS A 195 9.92 7.86 -27.59
N SER A 196 10.14 7.51 -28.85
CA SER A 196 10.69 8.43 -29.85
C SER A 196 9.73 9.51 -30.34
N LYS A 197 10.27 10.44 -31.11
CA LYS A 197 9.50 11.46 -31.80
C LYS A 197 8.41 10.85 -32.65
N LYS A 198 8.75 9.81 -33.39
CA LYS A 198 7.75 9.19 -34.23
C LYS A 198 6.63 8.49 -33.44
N ALA A 199 6.95 7.85 -32.32
CA ALA A 199 5.93 7.15 -31.47
C ALA A 199 5.03 8.12 -30.69
N THR A 200 5.53 9.31 -30.48
CA THR A 200 5.08 10.20 -29.43
C THR A 200 4.60 11.58 -29.99
N GLY A 201 5.30 12.12 -30.98
CA GLY A 201 5.00 13.45 -31.52
C GLY A 201 5.84 14.56 -30.91
N VAL A 202 6.70 14.22 -29.94
CA VAL A 202 7.47 15.18 -29.12
C VAL A 202 8.83 15.44 -29.74
N SER A 203 9.16 16.71 -30.00
CA SER A 203 10.43 17.05 -30.68
C SER A 203 11.74 16.68 -29.95
N ASP A 204 11.97 17.21 -28.75
CA ASP A 204 13.19 16.93 -27.98
C ASP A 204 12.93 15.92 -26.85
N GLN A 205 13.63 14.78 -26.88
CA GLN A 205 13.47 13.75 -25.87
C GLN A 205 13.66 14.26 -24.44
N ASN A 206 14.52 15.27 -24.28
CA ASN A 206 14.75 15.85 -22.98
C ASN A 206 14.08 17.22 -22.79
N GLY A 207 12.97 17.22 -22.03
CA GLY A 207 12.23 18.44 -21.70
C GLY A 207 11.12 18.86 -22.67
N GLY A 208 10.96 18.15 -23.78
CA GLY A 208 10.01 18.56 -24.84
C GLY A 208 8.55 18.29 -24.46
N THR A 209 7.66 18.95 -25.20
CA THR A 209 6.21 18.88 -24.98
C THR A 209 5.50 18.95 -26.32
N LYS A 210 4.39 18.25 -26.43
CA LYS A 210 3.51 18.39 -27.56
C LYS A 210 2.05 18.38 -27.08
N THR A 211 1.22 19.21 -27.70
CA THR A 211 -0.18 19.26 -27.39
C THR A 211 -1.00 18.97 -28.63
N LYS A 212 -1.87 17.98 -28.55
CA LYS A 212 -2.83 17.71 -29.61
C LYS A 212 -4.22 17.54 -29.03
N THR A 213 -5.24 17.67 -29.88
CA THR A 213 -6.62 17.61 -29.47
C THR A 213 -7.30 16.53 -30.29
N GLN A 214 -8.54 16.19 -29.93
CA GLN A 214 -9.22 14.99 -30.45
C GLN A 214 -10.76 15.06 -30.21
N THR A 215 -11.48 14.00 -30.59
CA THR A 215 -12.87 13.69 -30.10
C THR A 215 -13.05 12.28 -29.44
N GLY A 218 -18.65 14.06 -29.45
CA GLY A 218 -19.07 15.45 -29.48
C GLY A 218 -18.10 16.46 -28.86
N LYS A 219 -17.08 15.99 -28.12
CA LYS A 219 -16.26 16.85 -27.20
C LYS A 219 -14.76 17.01 -27.54
N THR A 220 -14.15 18.17 -27.24
CA THR A 220 -12.69 18.35 -27.38
C THR A 220 -11.85 17.82 -26.19
N VAL A 221 -11.03 16.82 -26.45
CA VAL A 221 -10.10 16.29 -25.46
C VAL A 221 -8.68 16.75 -25.73
N THR A 222 -8.07 17.45 -24.78
CA THR A 222 -6.72 17.97 -24.93
C THR A 222 -5.69 17.05 -24.31
N THR A 223 -4.64 16.75 -25.04
CA THR A 223 -3.58 15.85 -24.60
C THR A 223 -2.26 16.58 -24.60
N LYS A 224 -1.53 16.47 -23.50
CA LYS A 224 -0.20 17.07 -23.39
C LYS A 224 0.76 15.94 -23.09
N ILE A 225 1.79 15.83 -23.93
CA ILE A 225 2.73 14.74 -23.83
C ILE A 225 4.04 15.36 -23.52
N SER A 226 4.74 14.85 -22.52
CA SER A 226 6.02 15.43 -22.20
C SER A 226 7.05 14.31 -22.01
N SER A 227 8.31 14.62 -22.30
CA SER A 227 9.36 13.63 -22.36
C SER A 227 10.51 14.08 -21.49
N LYS A 228 11.13 13.16 -20.77
CA LYS A 228 12.29 13.45 -19.97
C LYS A 228 13.23 12.24 -20.04
N VAL A 229 14.52 12.50 -19.92
CA VAL A 229 15.57 11.48 -19.96
C VAL A 229 16.32 11.43 -18.62
N VAL A 230 16.46 10.24 -18.08
CA VAL A 230 17.12 10.02 -16.84
C VAL A 230 18.29 9.10 -17.16
N ASP A 231 19.50 9.61 -16.97
CA ASP A 231 20.73 8.85 -17.20
C ASP A 231 20.86 7.72 -16.17
N SER A 232 21.61 6.69 -16.53
CA SER A 232 21.87 5.56 -15.63
C SER A 232 22.48 5.97 -14.29
N GLN A 233 23.37 6.96 -14.28
CA GLN A 233 24.12 7.37 -13.06
C GLN A 233 23.37 8.37 -12.17
N ALA A 234 22.44 9.13 -12.73
CA ALA A 234 21.78 10.16 -11.96
C ALA A 234 21.34 9.60 -10.62
N LYS A 235 21.46 10.41 -9.56
CA LYS A 235 21.08 9.94 -8.23
C LYS A 235 19.57 9.88 -8.17
N GLY A 236 19.08 8.96 -7.35
CA GLY A 236 17.66 8.65 -7.30
C GLY A 236 17.25 7.78 -8.48
N ASN A 237 18.23 7.17 -9.17
CA ASN A 237 17.94 6.15 -10.17
C ASN A 237 18.37 4.78 -9.66
N THR A 238 17.47 4.12 -8.94
CA THR A 238 17.80 2.83 -8.30
C THR A 238 17.97 1.74 -9.34
N THR A 239 17.00 1.61 -10.25
CA THR A 239 17.16 0.76 -11.42
C THR A 239 18.44 1.21 -12.04
N ARG A 240 19.23 0.31 -12.58
CA ARG A 240 20.62 0.67 -12.79
C ARG A 240 20.90 1.26 -14.17
N VAL A 241 19.84 1.67 -14.88
CA VAL A 241 19.91 1.88 -16.32
C VAL A 241 19.28 3.21 -16.81
N SER A 242 19.66 3.66 -18.01
CA SER A 242 19.15 4.90 -18.61
C SER A 242 17.76 4.74 -19.25
N TYR A 243 16.87 5.70 -18.99
CA TYR A 243 15.54 5.63 -19.54
C TYR A 243 14.93 6.95 -19.95
N THR A 244 13.92 6.86 -20.81
CA THR A 244 13.12 7.98 -21.22
C THR A 244 11.73 7.84 -20.59
N GLU A 245 11.22 8.93 -20.05
CA GLU A 245 9.91 8.89 -19.45
C GLU A 245 8.94 9.76 -20.24
N ILE A 246 7.76 9.21 -20.49
CA ILE A 246 6.74 9.93 -21.18
C ILE A 246 5.58 10.14 -20.24
N THR A 247 5.14 11.37 -20.10
CA THR A 247 3.97 11.66 -19.30
C THR A 247 2.88 12.06 -20.26
N ASN A 248 1.67 11.56 -20.05
CA ASN A 248 0.52 11.98 -20.84
C ASN A 248 -0.47 12.55 -19.91
N LYS A 249 -0.95 13.74 -20.24
CA LYS A 249 -1.93 14.40 -19.42
C LYS A 249 -3.14 14.72 -20.30
N LEU A 250 -4.29 14.19 -19.96
CA LEU A 250 -5.48 14.38 -20.79
C LEU A 250 -6.47 15.17 -20.01
N ASP A 251 -6.97 16.26 -20.58
CA ASP A 251 -7.95 17.12 -19.91
C ASP A 251 -9.23 17.08 -20.72
N GLY A 252 -10.35 17.12 -20.02
CA GLY A 252 -11.63 17.17 -20.69
C GLY A 252 -12.04 15.80 -21.21
N VAL A 253 -11.55 14.74 -20.59
CA VAL A 253 -12.00 13.41 -20.98
C VAL A 253 -13.44 13.17 -20.56
N PRO A 254 -14.32 12.90 -21.51
CA PRO A 254 -15.71 12.67 -21.11
C PRO A 254 -15.90 11.44 -20.19
N ASP A 255 -16.54 11.65 -19.04
CA ASP A 255 -16.91 10.57 -18.13
C ASP A 255 -18.41 10.20 -18.22
N SER A 256 -19.09 10.55 -19.28
CA SER A 256 -20.43 10.09 -19.45
C SER A 256 -20.44 8.56 -19.54
N ALA A 257 -21.58 7.96 -19.23
CA ALA A 257 -21.70 6.52 -19.39
C ALA A 257 -21.39 6.02 -20.79
N GLN A 258 -21.94 6.66 -21.80
CA GLN A 258 -21.68 6.26 -23.17
C GLN A 258 -20.17 6.34 -23.40
N ALA A 259 -19.52 7.43 -22.98
CA ALA A 259 -18.11 7.57 -23.23
C ALA A 259 -17.31 6.47 -22.52
N LEU A 260 -17.67 6.13 -21.29
CA LEU A 260 -16.91 5.14 -20.54
C LEU A 260 -17.14 3.74 -21.02
N LEU A 261 -18.31 3.49 -21.57
CA LEU A 261 -18.57 2.18 -22.08
C LEU A 261 -17.73 1.99 -23.31
N ALA A 262 -17.56 3.05 -24.09
CA ALA A 262 -16.70 3.00 -25.27
C ALA A 262 -15.28 2.69 -24.86
N GLN A 263 -14.82 3.24 -23.77
CA GLN A 263 -13.50 2.86 -23.23
C GLN A 263 -13.43 1.42 -22.79
N ALA A 264 -14.46 0.93 -22.13
CA ALA A 264 -14.42 -0.45 -21.71
C ALA A 264 -14.42 -1.38 -22.89
N SER A 265 -15.22 -1.08 -23.90
CA SER A 265 -15.21 -1.80 -25.15
C SER A 265 -13.80 -1.83 -25.84
N THR A 266 -13.16 -0.67 -25.96
CA THR A 266 -11.84 -0.60 -26.46
C THR A 266 -10.89 -1.54 -25.66
N LEU A 267 -11.02 -1.53 -24.36
CA LEU A 267 -10.15 -2.37 -23.48
C LEU A 267 -10.31 -3.84 -23.74
N ILE A 268 -11.53 -4.30 -23.77
CA ILE A 268 -11.77 -5.69 -23.93
C ILE A 268 -11.54 -6.14 -25.38
N ASN A 269 -11.94 -5.32 -26.34
CA ASN A 269 -11.66 -5.67 -27.75
C ASN A 269 -10.20 -5.66 -28.15
N THR A 270 -9.41 -4.74 -27.60
CA THR A 270 -7.98 -4.78 -27.86
C THR A 270 -7.34 -6.09 -27.40
N ILE A 271 -7.67 -6.49 -26.20
CA ILE A 271 -7.28 -7.81 -25.66
C ILE A 271 -7.74 -8.97 -26.53
N ASN A 272 -8.99 -8.93 -26.95
CA ASN A 272 -9.50 -10.04 -27.72
C ASN A 272 -8.93 -10.14 -29.13
N THR A 273 -8.67 -9.00 -29.76
CA THR A 273 -8.13 -8.95 -31.13
C THR A 273 -6.60 -9.23 -31.11
N ALA A 274 -5.89 -8.59 -30.22
CA ALA A 274 -4.46 -8.86 -30.10
C ALA A 274 -4.16 -10.32 -29.68
N CYS A 275 -4.99 -10.85 -28.78
CA CYS A 275 -4.92 -12.24 -28.34
C CYS A 275 -3.52 -12.70 -28.00
N PRO A 276 -2.91 -12.08 -27.01
CA PRO A 276 -1.55 -12.42 -26.68
C PRO A 276 -1.38 -13.67 -25.83
N TYR A 277 -0.18 -14.19 -25.84
CA TYR A 277 0.17 -15.26 -24.97
C TYR A 277 0.14 -14.77 -23.54
N PHE A 278 -0.31 -15.63 -22.64
CA PHE A 278 -0.20 -15.42 -21.22
C PHE A 278 0.34 -16.65 -20.53
N SER A 279 1.00 -16.45 -19.41
CA SER A 279 1.17 -17.56 -18.45
C SER A 279 1.18 -17.10 -17.01
N VAL A 280 0.37 -17.79 -16.21
CA VAL A 280 0.08 -17.39 -14.84
C VAL A 280 0.99 -18.06 -13.85
N THR A 281 1.28 -17.32 -12.77
CA THR A 281 1.88 -17.86 -11.54
C THR A 281 0.70 -18.38 -10.72
N ASN A 282 0.55 -19.71 -10.64
CA ASN A 282 -0.57 -20.29 -9.94
C ASN A 282 -0.25 -20.31 -8.45
N LYS A 283 -0.88 -19.38 -7.73
CA LYS A 283 -0.60 -19.09 -6.32
C LYS A 283 -0.85 -20.35 -5.45
N SER A 284 0.24 -20.95 -4.98
CA SER A 284 0.23 -22.26 -4.30
C SER A 284 -0.43 -22.19 -2.91
N GLY A 285 -1.77 -22.14 -2.92
CA GLY A 285 -2.60 -21.99 -1.73
C GLY A 285 -4.06 -22.20 -2.12
N GLY A 286 -4.76 -21.13 -2.47
CA GLY A 286 -6.22 -21.18 -2.73
C GLY A 286 -6.70 -21.45 -4.16
N PRO A 287 -6.98 -20.38 -4.97
CA PRO A 287 -7.74 -20.48 -6.23
C PRO A 287 -6.85 -20.84 -7.44
N GLN A 288 -7.34 -21.73 -8.32
CA GLN A 288 -6.50 -22.33 -9.38
C GLN A 288 -6.94 -21.92 -10.79
N MET A 289 -6.04 -21.28 -11.54
CA MET A 289 -6.37 -20.75 -12.87
C MET A 289 -6.30 -21.85 -13.96
N GLU A 290 -7.38 -21.88 -14.76
CA GLU A 290 -7.75 -22.91 -15.74
C GLU A 290 -8.00 -22.27 -17.14
N PRO A 291 -7.03 -22.39 -18.09
CA PRO A 291 -5.71 -23.09 -18.07
C PRO A 291 -4.60 -22.16 -17.59
N THR A 292 -3.36 -22.64 -17.54
CA THR A 292 -2.23 -21.88 -16.95
C THR A 292 -1.27 -21.14 -17.95
N ARG A 293 -1.30 -21.61 -19.19
CA ARG A 293 -0.51 -21.06 -20.27
C ARG A 293 -1.55 -20.93 -21.34
N GLY A 294 -1.39 -19.96 -22.23
CA GLY A 294 -2.24 -19.97 -23.41
C GLY A 294 -2.36 -18.63 -24.03
N LYS A 295 -3.45 -18.45 -24.72
CA LYS A 295 -3.70 -17.19 -25.37
C LYS A 295 -4.92 -16.50 -24.74
N LEU A 296 -4.91 -15.18 -24.70
CA LEU A 296 -5.88 -14.48 -23.89
C LEU A 296 -7.27 -14.63 -24.42
N CYS A 297 -7.40 -14.76 -25.73
CA CYS A 297 -8.75 -14.89 -26.29
C CYS A 297 -9.32 -16.31 -26.09
N GLY A 298 -8.54 -17.23 -25.51
CA GLY A 298 -9.03 -18.56 -25.10
C GLY A 298 -10.06 -18.58 -23.94
N PHE A 299 -10.20 -17.46 -23.27
CA PHE A 299 -11.26 -17.24 -22.32
C PHE A 299 -12.50 -16.80 -23.06
N THR A 300 -13.05 -17.68 -23.90
CA THR A 300 -14.10 -17.24 -24.81
C THR A 300 -15.37 -16.92 -24.09
N GLU A 301 -15.73 -17.74 -23.13
CA GLU A 301 -16.97 -17.47 -22.39
C GLU A 301 -16.91 -16.16 -21.60
N GLU A 302 -15.76 -15.86 -21.02
CA GLU A 302 -15.59 -14.68 -20.22
C GLU A 302 -15.59 -13.43 -21.10
N ILE A 303 -14.84 -13.45 -22.18
CA ILE A 303 -14.78 -12.29 -23.06
C ILE A 303 -16.13 -12.07 -23.71
N SER A 304 -16.78 -13.11 -24.19
CA SER A 304 -18.13 -12.96 -24.77
C SER A 304 -19.09 -12.31 -23.79
N ALA A 305 -19.02 -12.75 -22.54
CA ALA A 305 -19.95 -12.29 -21.53
C ALA A 305 -19.70 -10.83 -21.30
N ILE A 306 -18.46 -10.45 -21.16
CA ILE A 306 -18.17 -9.06 -20.97
C ILE A 306 -18.57 -8.26 -22.19
N GLN A 307 -18.32 -8.75 -23.36
CA GLN A 307 -18.72 -7.95 -24.54
C GLN A 307 -20.22 -7.79 -24.60
N LYS A 308 -20.92 -8.84 -24.22
CA LYS A 308 -22.38 -8.81 -24.23
C LYS A 308 -22.88 -7.83 -23.16
N MET A 309 -22.24 -7.79 -21.99
CA MET A 309 -22.61 -6.79 -20.99
C MET A 309 -22.47 -5.37 -21.46
N ILE A 310 -21.33 -5.07 -22.06
CA ILE A 310 -21.11 -3.77 -22.57
C ILE A 310 -22.12 -3.46 -23.65
N THR A 311 -22.31 -4.35 -24.61
CA THR A 311 -23.31 -4.14 -25.68
C THR A 311 -24.68 -3.80 -25.09
N ASP A 312 -25.09 -4.54 -24.04
CA ASP A 312 -26.40 -4.33 -23.42
C ASP A 312 -26.47 -3.00 -22.64
N ALA A 313 -25.40 -2.63 -21.95
CA ALA A 313 -25.34 -1.37 -21.28
C ALA A 313 -25.31 -0.20 -22.25
N GLN A 314 -24.72 -0.37 -23.43
CA GLN A 314 -24.78 0.68 -24.43
C GLN A 314 -26.20 0.87 -24.93
N GLU A 315 -26.90 -0.21 -25.21
N GLU A 315 -26.91 -0.21 -25.21
CA GLU A 315 -28.28 -0.17 -25.67
CA GLU A 315 -28.29 -0.08 -25.66
C GLU A 315 -29.15 0.48 -24.56
C GLU A 315 -29.15 0.52 -24.54
N LEU A 316 -28.88 0.12 -23.32
CA LEU A 316 -29.58 0.66 -22.19
C LEU A 316 -29.43 2.18 -22.08
N VAL A 317 -28.21 2.63 -22.19
CA VAL A 317 -27.94 4.05 -22.12
C VAL A 317 -28.52 4.82 -23.29
N ASN A 318 -28.63 4.19 -24.45
CA ASN A 318 -29.34 4.83 -25.59
C ASN A 318 -30.82 5.12 -25.36
N GLN A 319 -31.47 4.42 -24.44
CA GLN A 319 -32.83 4.73 -24.16
C GLN A 319 -32.97 6.10 -23.49
N THR A 320 -31.91 6.62 -22.91
CA THR A 320 -31.93 7.93 -22.27
C THR A 320 -32.47 9.04 -23.15
N SER A 321 -32.05 9.09 -24.39
CA SER A 321 -32.48 10.18 -25.23
C SER A 321 -33.91 9.98 -25.69
N VAL A 322 -34.36 8.73 -25.81
CA VAL A 322 -35.77 8.46 -26.08
C VAL A 322 -36.61 9.04 -24.98
N ILE A 323 -36.16 8.84 -23.75
CA ILE A 323 -36.84 9.39 -22.61
C ILE A 323 -36.88 10.93 -22.56
N ASN A 324 -35.77 11.57 -22.88
CA ASN A 324 -35.73 13.04 -22.85
C ASN A 324 -36.51 13.70 -23.95
N GLU A 325 -36.46 13.10 -25.12
CA GLU A 325 -37.24 13.55 -26.29
C GLU A 325 -38.76 13.47 -26.07
N HIS A 326 -39.24 12.59 -25.18
CA HIS A 326 -40.68 12.44 -24.93
C HIS A 326 -41.02 12.69 -23.47
N GLU A 327 -40.73 13.89 -23.01
CA GLU A 327 -41.14 14.42 -21.73
C GLU A 327 -42.65 14.23 -21.57
N GLN A 328 -43.07 13.89 -20.37
CA GLN A 328 -44.45 13.58 -20.05
C GLN A 328 -45.04 14.55 -19.07
N SER A 329 -44.49 15.75 -19.00
CA SER A 329 -44.83 16.68 -17.92
C SER A 329 -46.01 17.61 -18.24
N THR A 330 -46.39 17.78 -19.51
CA THR A 330 -47.57 18.59 -19.80
C THR A 330 -48.88 17.82 -19.50
N PRO A 331 -49.82 18.43 -18.76
CA PRO A 331 -51.10 17.74 -18.58
C PRO A 331 -51.91 17.66 -19.89
N VAL A 332 -52.69 16.60 -20.01
CA VAL A 332 -53.52 16.30 -21.19
C VAL A 332 -54.96 16.32 -20.75
N GLY A 333 -55.90 16.59 -21.66
CA GLY A 333 -57.31 16.62 -21.23
C GLY A 333 -58.34 17.39 -22.01
N GLY A 334 -58.76 16.81 -23.14
CA GLY A 334 -59.87 17.35 -23.94
C GLY A 334 -59.43 18.66 -24.57
N ASN A 335 -60.31 19.31 -25.33
CA ASN A 335 -60.14 20.75 -25.52
C ASN A 335 -61.50 21.41 -25.47
N ASN A 336 -61.49 22.74 -25.31
CA ASN A 336 -62.70 23.58 -25.33
C ASN A 336 -63.78 23.20 -24.30
N GLY A 337 -63.33 22.83 -23.09
CA GLY A 337 -64.22 22.40 -21.99
C GLY A 337 -65.18 21.32 -22.45
N LYS A 338 -64.64 20.38 -23.24
CA LYS A 338 -65.41 19.33 -23.88
C LYS A 338 -64.83 18.00 -23.40
N PRO A 339 -65.68 17.02 -23.12
CA PRO A 339 -65.15 15.76 -22.59
C PRO A 339 -64.01 15.16 -23.43
N PHE A 340 -63.06 14.56 -22.75
CA PHE A 340 -61.94 13.93 -23.42
C PHE A 340 -62.45 12.84 -24.37
N ASN A 341 -61.92 12.78 -25.57
CA ASN A 341 -62.28 11.76 -26.53
C ASN A 341 -61.05 10.93 -26.87
N PRO A 342 -60.98 9.72 -26.36
CA PRO A 342 -59.82 8.83 -26.56
C PRO A 342 -59.52 8.46 -28.01
N PHE A 343 -60.50 8.64 -28.88
CA PHE A 343 -60.31 8.40 -30.30
C PHE A 343 -59.67 9.57 -31.07
N THR A 344 -59.83 10.80 -30.57
CA THR A 344 -59.31 11.98 -31.30
C THR A 344 -58.29 12.83 -30.55
N ASP A 345 -58.36 12.87 -29.23
CA ASP A 345 -57.59 13.82 -28.45
C ASP A 345 -56.35 13.17 -27.90
N ALA A 346 -55.86 12.08 -28.49
CA ALA A 346 -54.78 11.36 -27.83
C ALA A 346 -53.51 11.30 -28.65
N SER A 347 -53.18 12.41 -29.30
CA SER A 347 -51.96 12.51 -30.11
C SER A 347 -50.69 12.37 -29.27
N PHE A 348 -50.74 12.81 -28.01
CA PHE A 348 -49.64 12.56 -27.03
C PHE A 348 -49.30 11.07 -26.76
N ALA A 349 -50.19 10.14 -27.09
CA ALA A 349 -50.04 8.75 -26.70
C ALA A 349 -48.82 8.12 -27.31
N GLN A 350 -48.46 8.54 -28.48
CA GLN A 350 -47.36 7.95 -29.20
C GLN A 350 -46.10 8.12 -28.41
N GLY A 351 -45.97 9.31 -27.85
CA GLY A 351 -44.78 9.70 -27.08
C GLY A 351 -44.73 9.05 -25.73
N MET A 352 -45.87 8.98 -25.06
CA MET A 352 -45.99 8.30 -23.78
C MET A 352 -45.63 6.83 -23.92
N LEU A 353 -46.07 6.21 -25.00
CA LEU A 353 -45.73 4.82 -25.25
C LEU A 353 -44.25 4.65 -25.46
N ALA A 354 -43.66 5.52 -26.27
CA ALA A 354 -42.24 5.42 -26.52
C ALA A 354 -41.45 5.65 -25.26
N ASN A 355 -41.86 6.59 -24.42
CA ASN A 355 -41.17 6.79 -23.16
C ASN A 355 -41.28 5.57 -22.18
N ALA A 356 -42.51 5.12 -21.96
CA ALA A 356 -42.73 3.97 -21.12
C ALA A 356 -41.99 2.75 -21.62
N SER A 357 -41.98 2.52 -22.94
CA SER A 357 -41.24 1.41 -23.48
C SER A 357 -39.76 1.52 -23.33
N ALA A 358 -39.25 2.74 -23.46
CA ALA A 358 -37.85 2.96 -23.29
C ALA A 358 -37.48 2.66 -21.84
N GLN A 359 -38.30 3.04 -20.89
CA GLN A 359 -37.98 2.77 -19.46
C GLN A 359 -38.00 1.27 -19.11
N ALA A 360 -38.98 0.57 -19.63
CA ALA A 360 -39.04 -0.86 -19.45
C ALA A 360 -37.85 -1.50 -20.07
N LYS A 361 -37.46 -1.07 -21.24
CA LYS A 361 -36.31 -1.63 -21.91
C LYS A 361 -35.06 -1.40 -21.08
N MET A 362 -34.89 -0.23 -20.49
CA MET A 362 -33.77 0.00 -19.59
C MET A 362 -33.76 -1.00 -18.47
N LEU A 363 -34.92 -1.23 -17.89
CA LEU A 363 -35.01 -2.08 -16.76
C LEU A 363 -34.64 -3.50 -17.14
N ASN A 364 -35.18 -3.99 -18.23
CA ASN A 364 -34.85 -5.31 -18.68
C ASN A 364 -33.38 -5.50 -19.09
N LEU A 365 -32.76 -4.52 -19.73
CA LEU A 365 -31.40 -4.66 -20.09
C LEU A 365 -30.57 -4.62 -18.86
N ALA A 366 -30.94 -3.77 -17.91
CA ALA A 366 -30.16 -3.73 -16.66
C ALA A 366 -30.16 -5.10 -15.99
N HIS A 367 -31.32 -5.76 -16.02
CA HIS A 367 -31.41 -7.10 -15.53
C HIS A 367 -30.58 -8.10 -16.32
N GLN A 368 -30.62 -8.03 -17.64
CA GLN A 368 -29.83 -8.93 -18.49
C GLN A 368 -28.28 -8.83 -18.21
N VAL A 369 -27.82 -7.62 -17.99
CA VAL A 369 -26.43 -7.38 -17.64
C VAL A 369 -26.06 -8.19 -16.43
N GLY A 370 -26.84 -8.05 -15.37
CA GLY A 370 -26.57 -8.79 -14.15
C GLY A 370 -26.62 -10.28 -14.28
N GLN A 371 -27.52 -10.80 -15.09
CA GLN A 371 -27.63 -12.23 -15.26
C GLN A 371 -26.50 -12.82 -16.12
N THR A 372 -25.79 -12.01 -16.87
CA THR A 372 -24.75 -12.52 -17.76
C THR A 372 -23.52 -12.95 -16.95
N ILE A 373 -23.33 -12.30 -15.81
CA ILE A 373 -22.14 -12.45 -15.00
C ILE A 373 -22.43 -13.00 -13.64
N ASN A 374 -23.70 -13.06 -13.23
CA ASN A 374 -24.00 -13.50 -11.86
C ASN A 374 -23.64 -14.96 -11.67
N PRO A 375 -22.80 -15.25 -10.67
CA PRO A 375 -22.29 -16.62 -10.50
C PRO A 375 -23.33 -17.64 -10.14
N ASP A 376 -24.48 -17.21 -9.67
CA ASP A 376 -25.56 -18.17 -9.34
C ASP A 376 -25.96 -19.00 -10.57
N ASN A 377 -25.91 -18.40 -11.76
CA ASN A 377 -26.36 -19.08 -12.97
C ASN A 377 -25.22 -19.52 -13.89
N LEU A 378 -24.02 -19.65 -13.34
CA LEU A 378 -22.88 -19.90 -14.16
C LEU A 378 -22.39 -21.29 -13.93
N THR A 379 -21.67 -21.81 -14.92
CA THR A 379 -21.22 -23.19 -14.87
C THR A 379 -19.71 -23.35 -15.10
N GLY A 380 -19.11 -24.33 -14.43
CA GLY A 380 -17.75 -24.83 -14.67
C GLY A 380 -16.66 -23.79 -14.66
N THR A 381 -15.75 -23.91 -15.63
CA THR A 381 -14.66 -22.96 -15.87
C THR A 381 -15.03 -21.48 -15.67
N PHE A 382 -16.15 -21.09 -16.27
CA PHE A 382 -16.54 -19.71 -16.23
C PHE A 382 -16.98 -19.33 -14.81
N LYS A 383 -17.72 -20.22 -14.13
CA LYS A 383 -18.06 -19.95 -12.75
C LYS A 383 -16.83 -19.82 -11.85
N ASN A 384 -15.83 -20.70 -12.01
CA ASN A 384 -14.59 -20.59 -11.23
C ASN A 384 -13.91 -19.25 -11.45
N PHE A 385 -13.86 -18.83 -12.70
CA PHE A 385 -13.19 -17.62 -13.01
C PHE A 385 -13.81 -16.43 -12.27
N VAL A 386 -15.14 -16.34 -12.29
CA VAL A 386 -15.81 -15.26 -11.64
C VAL A 386 -15.75 -15.37 -10.11
N THR A 387 -16.02 -16.54 -9.53
CA THR A 387 -16.03 -16.63 -8.07
C THR A 387 -14.65 -16.63 -7.48
N GLY A 388 -13.68 -17.27 -8.12
CA GLY A 388 -12.32 -17.32 -7.61
C GLY A 388 -11.43 -16.13 -7.94
N PHE A 389 -11.73 -15.40 -9.02
CA PHE A 389 -10.82 -14.33 -9.45
C PHE A 389 -11.51 -12.99 -9.71
N LEU A 390 -12.47 -12.96 -10.61
CA LEU A 390 -13.06 -11.70 -10.99
C LEU A 390 -13.83 -10.99 -9.86
N ALA A 391 -14.52 -11.73 -9.03
CA ALA A 391 -15.29 -11.14 -7.92
C ALA A 391 -14.50 -11.28 -6.65
N THR A 392 -13.30 -10.79 -6.64
CA THR A 392 -12.36 -11.01 -5.56
C THR A 392 -11.48 -9.78 -5.53
N CYS A 393 -10.94 -9.44 -4.37
CA CYS A 393 -9.90 -8.42 -4.31
C CYS A 393 -8.80 -8.77 -3.36
N ASN A 394 -7.57 -8.68 -3.80
CA ASN A 394 -6.45 -8.96 -2.90
C ASN A 394 -5.79 -7.73 -2.38
N ASN A 395 -6.26 -6.55 -2.80
CA ASN A 395 -5.73 -5.33 -2.20
C ASN A 395 -6.04 -5.38 -0.70
N LYS A 396 -5.10 -4.91 0.12
CA LYS A 396 -5.36 -4.63 1.53
C LYS A 396 -6.08 -3.31 1.68
N GLY A 406 -12.98 -1.72 2.47
CA GLY A 406 -12.41 -1.78 1.10
C GLY A 406 -11.45 -0.64 0.73
N SER A 407 -10.47 -0.94 -0.13
CA SER A 407 -9.67 0.12 -0.77
C SER A 407 -10.57 0.79 -1.84
N PRO A 408 -10.38 2.11 -2.08
CA PRO A 408 -11.35 2.78 -2.99
C PRO A 408 -11.38 2.20 -4.40
N PRO A 409 -12.43 2.47 -5.15
CA PRO A 409 -12.38 1.98 -6.53
C PRO A 409 -11.30 2.66 -7.32
N GLY A 410 -10.75 1.94 -8.30
CA GLY A 410 -9.69 2.41 -9.16
C GLY A 410 -8.29 2.38 -8.59
N THR A 411 -8.05 1.64 -7.52
CA THR A 411 -6.72 1.70 -6.92
C THR A 411 -5.94 0.47 -7.31
N VAL A 412 -4.75 0.71 -7.83
CA VAL A 412 -3.85 -0.33 -8.20
C VAL A 412 -2.81 -0.45 -7.13
N THR A 413 -2.66 -1.65 -6.57
CA THR A 413 -1.56 -1.85 -5.63
C THR A 413 -0.70 -2.96 -6.16
N THR A 414 0.36 -3.30 -5.41
CA THR A 414 1.21 -4.42 -5.74
C THR A 414 0.49 -5.77 -5.56
N GLN A 415 -0.68 -5.81 -4.95
CA GLN A 415 -1.39 -7.06 -4.83
C GLN A 415 -2.70 -7.09 -5.65
N THR A 416 -2.90 -6.12 -6.52
CA THR A 416 -4.06 -6.16 -7.39
C THR A 416 -4.08 -7.36 -8.33
N PHE A 417 -2.93 -7.73 -8.85
CA PHE A 417 -2.86 -8.81 -9.84
C PHE A 417 -3.59 -10.07 -9.42
N ALA A 418 -4.18 -10.74 -10.40
CA ALA A 418 -4.89 -12.01 -10.24
C ALA A 418 -6.19 -11.86 -9.46
N SER A 419 -6.69 -10.65 -9.30
CA SER A 419 -7.99 -10.47 -8.68
C SER A 419 -8.65 -9.31 -9.40
N GLY A 420 -9.96 -9.27 -9.44
CA GLY A 420 -10.66 -8.23 -10.20
C GLY A 420 -10.52 -6.87 -9.59
N CYS A 421 -10.64 -6.79 -8.28
CA CYS A 421 -10.53 -5.52 -7.60
C CYS A 421 -11.39 -4.47 -8.23
N ALA A 422 -12.61 -4.82 -8.57
CA ALA A 422 -13.48 -3.86 -9.21
C ALA A 422 -14.91 -3.98 -8.66
N TYR A 423 -15.04 -4.42 -7.42
CA TYR A 423 -16.31 -4.31 -6.71
C TYR A 423 -17.41 -5.06 -7.47
N VAL A 424 -17.03 -6.16 -8.12
CA VAL A 424 -18.00 -6.91 -8.88
C VAL A 424 -19.08 -7.56 -8.00
N GLU A 425 -18.68 -8.19 -6.93
CA GLU A 425 -19.69 -8.76 -6.07
C GLU A 425 -20.62 -7.67 -5.48
N GLN A 426 -20.07 -6.61 -4.91
CA GLN A 426 -20.91 -5.57 -4.34
C GLN A 426 -21.85 -4.97 -5.39
N THR A 427 -21.43 -4.92 -6.63
CA THR A 427 -22.24 -4.25 -7.62
C THR A 427 -23.41 -5.14 -7.99
N ILE A 428 -23.19 -6.45 -8.03
CA ILE A 428 -24.30 -7.39 -8.35
C ILE A 428 -25.35 -7.25 -7.28
N THR A 429 -24.90 -7.31 -6.04
CA THR A 429 -25.75 -7.10 -4.92
C THR A 429 -26.54 -5.77 -4.99
N ASN A 430 -25.91 -4.66 -5.37
CA ASN A 430 -26.61 -3.37 -5.40
C ASN A 430 -27.55 -3.25 -6.57
N LEU A 431 -27.21 -3.89 -7.67
CA LEU A 431 -28.14 -4.03 -8.79
C LEU A 431 -29.41 -4.77 -8.34
N ASN A 432 -29.27 -5.85 -7.59
CA ASN A 432 -30.43 -6.59 -7.13
C ASN A 432 -31.20 -5.79 -6.12
N ASN A 433 -30.49 -5.15 -5.18
CA ASN A 433 -31.16 -4.28 -4.21
C ASN A 433 -31.97 -3.19 -4.94
N SER A 434 -31.42 -2.61 -5.97
CA SER A 434 -32.14 -1.54 -6.60
C SER A 434 -33.32 -2.04 -7.44
N ILE A 435 -33.19 -3.21 -8.07
CA ILE A 435 -34.29 -3.81 -8.80
C ILE A 435 -35.40 -4.12 -7.81
N ALA A 436 -35.04 -4.61 -6.63
CA ALA A 436 -36.06 -4.90 -5.63
C ALA A 436 -36.80 -3.66 -5.21
N HIS A 437 -36.12 -2.51 -5.17
CA HIS A 437 -36.76 -1.26 -4.71
C HIS A 437 -37.45 -0.52 -5.88
N PHE A 438 -37.48 -1.15 -7.05
CA PHE A 438 -38.12 -0.64 -8.18
C PHE A 438 -39.42 -1.39 -8.51
N GLY A 439 -39.89 -2.24 -7.62
CA GLY A 439 -41.15 -2.93 -7.80
C GLY A 439 -42.36 -2.13 -8.19
N THR A 440 -42.67 -1.08 -7.43
CA THR A 440 -43.80 -0.21 -7.72
C THR A 440 -43.63 0.45 -9.06
N GLN A 441 -42.45 0.98 -9.27
CA GLN A 441 -42.22 1.74 -10.50
C GLN A 441 -42.35 0.89 -11.73
N GLU A 442 -41.87 -0.34 -11.68
CA GLU A 442 -41.96 -1.18 -12.83
C GLU A 442 -43.47 -1.38 -13.15
N GLN A 443 -44.29 -1.57 -12.13
CA GLN A 443 -45.70 -1.77 -12.42
C GLN A 443 -46.30 -0.50 -12.99
N GLN A 444 -45.90 0.66 -12.47
CA GLN A 444 -46.40 1.88 -12.99
C GLN A 444 -46.02 2.10 -14.45
N ILE A 445 -44.82 1.69 -14.82
CA ILE A 445 -44.37 1.85 -16.15
C ILE A 445 -45.19 0.93 -17.08
N GLN A 446 -45.41 -0.32 -16.68
CA GLN A 446 -46.22 -1.23 -17.48
C GLN A 446 -47.64 -0.67 -17.63
N GLN A 447 -48.20 -0.11 -16.56
CA GLN A 447 -49.53 0.50 -16.65
C GLN A 447 -49.52 1.68 -17.62
N ALA A 448 -48.56 2.57 -17.47
CA ALA A 448 -48.49 3.70 -18.40
C ALA A 448 -48.36 3.25 -19.87
N GLU A 449 -47.63 2.18 -20.10
CA GLU A 449 -47.46 1.64 -21.41
C GLU A 449 -48.76 1.08 -21.94
N ASN A 450 -49.46 0.29 -21.13
CA ASN A 450 -50.75 -0.22 -21.52
C ASN A 450 -51.82 0.84 -21.82
N ILE A 451 -51.85 1.88 -21.00
CA ILE A 451 -52.74 3.00 -21.25
C ILE A 451 -52.44 3.64 -22.60
N ALA A 452 -51.19 3.99 -22.84
CA ALA A 452 -50.84 4.62 -24.07
C ALA A 452 -51.09 3.74 -25.28
N ASP A 453 -50.86 2.45 -25.13
CA ASP A 453 -51.04 1.49 -26.19
C ASP A 453 -52.50 1.38 -26.54
N THR A 454 -53.35 1.41 -25.53
CA THR A 454 -54.78 1.51 -25.75
C THR A 454 -55.19 2.76 -26.53
N LEU A 455 -54.60 3.90 -26.22
CA LEU A 455 -54.92 5.15 -26.93
C LEU A 455 -54.35 5.18 -28.34
N VAL A 456 -53.16 4.67 -28.54
CA VAL A 456 -52.67 4.51 -29.92
C VAL A 456 -53.57 3.59 -30.76
N ASN A 457 -54.04 2.50 -30.18
CA ASN A 457 -55.01 1.65 -30.87
C ASN A 457 -56.27 2.37 -31.23
N PHE A 458 -56.87 3.08 -30.28
CA PHE A 458 -58.10 3.83 -30.53
C PHE A 458 -57.95 4.93 -31.56
N GLY A 459 -56.83 5.65 -31.52
CA GLY A 459 -56.52 6.70 -32.50
C GLY A 459 -56.23 6.29 -33.93
N SER A 460 -55.97 5.00 -34.18
CA SER A 460 -55.36 4.49 -35.44
C SER A 460 -56.28 4.28 -36.67
N ASN B 33 66.07 17.29 29.64
CA ASN B 33 66.41 18.15 28.46
C ASN B 33 65.54 17.93 27.22
N LEU B 34 65.28 18.97 26.45
CA LEU B 34 64.25 18.86 25.41
C LEU B 34 64.78 18.57 24.00
N SER B 35 65.96 19.05 23.67
CA SER B 35 66.61 18.60 22.42
C SER B 35 66.67 17.06 22.42
N LYS B 36 66.98 16.46 23.58
CA LYS B 36 67.04 15.01 23.68
C LYS B 36 65.68 14.32 23.42
N LEU B 37 64.59 14.92 23.87
CA LEU B 37 63.24 14.43 23.52
C LEU B 37 62.93 14.45 22.04
N LEU B 38 63.09 15.62 21.46
CA LEU B 38 62.75 15.85 20.07
C LEU B 38 63.67 15.13 19.07
N THR B 39 64.72 14.51 19.58
CA THR B 39 65.54 13.60 18.80
C THR B 39 64.78 12.28 18.60
N ARG B 40 64.42 11.57 19.68
CA ARG B 40 63.69 10.31 19.51
C ARG B 40 62.25 10.50 19.04
N TYR B 41 61.60 11.66 19.31
CA TYR B 41 60.17 11.84 18.88
C TYR B 41 59.96 13.05 18.00
N SER B 42 60.44 13.01 16.76
CA SER B 42 60.45 14.22 15.92
C SER B 42 59.06 14.65 15.50
N THR B 43 58.14 13.70 15.57
CA THR B 43 56.76 13.97 15.45
C THR B 43 56.27 15.00 16.50
N LEU B 44 56.97 15.08 17.62
CA LEU B 44 56.61 16.00 18.67
C LEU B 44 57.13 17.37 18.41
N ASN B 45 58.29 17.42 17.83
CA ASN B 45 58.79 18.67 17.38
C ASN B 45 57.82 19.30 16.39
N THR B 46 57.24 18.51 15.49
CA THR B 46 56.31 19.05 14.53
C THR B 46 55.07 19.57 15.26
N LEU B 47 54.62 18.84 16.25
CA LEU B 47 53.44 19.25 16.97
C LEU B 47 53.62 20.58 17.65
N ILE B 48 54.81 20.87 18.09
CA ILE B 48 55.02 22.08 18.82
C ILE B 48 55.10 23.26 17.88
N LYS B 49 55.75 23.04 16.77
CA LYS B 49 55.81 24.03 15.74
C LYS B 49 54.38 24.40 15.30
N LEU B 50 53.50 23.41 15.16
CA LEU B 50 52.14 23.64 14.75
C LEU B 50 51.35 24.43 15.78
N SER B 51 51.55 24.09 17.04
CA SER B 51 50.88 24.76 18.16
C SER B 51 51.33 26.17 18.38
N ALA B 52 52.45 26.57 17.80
CA ALA B 52 52.88 27.99 17.88
C ALA B 52 52.45 28.82 16.67
N ASP B 53 51.74 28.21 15.73
CA ASP B 53 51.41 28.84 14.48
C ASP B 53 49.89 29.01 14.34
N PRO B 54 49.40 30.24 14.51
CA PRO B 54 47.96 30.44 14.36
C PRO B 54 47.39 29.89 13.05
N SER B 55 48.13 30.03 11.98
CA SER B 55 47.61 29.53 10.74
C SER B 55 47.37 27.98 10.80
N ALA B 56 48.23 27.22 11.46
CA ALA B 56 47.97 25.80 11.59
C ALA B 56 46.88 25.47 12.61
N ILE B 57 46.77 26.28 13.65
CA ILE B 57 45.73 26.10 14.61
C ILE B 57 44.38 26.34 13.93
N ASN B 58 44.29 27.42 13.20
CA ASN B 58 43.07 27.74 12.49
C ASN B 58 42.69 26.71 11.48
N ALA B 59 43.66 26.16 10.74
CA ALA B 59 43.41 25.04 9.84
C ALA B 59 42.84 23.83 10.64
N ALA B 60 43.41 23.54 11.81
CA ALA B 60 42.87 22.44 12.60
C ALA B 60 41.45 22.72 13.12
N ARG B 61 41.16 23.97 13.44
CA ARG B 61 39.83 24.35 13.81
C ARG B 61 38.83 24.24 12.69
N GLU B 62 39.17 24.66 11.49
CA GLU B 62 38.32 24.44 10.31
C GLU B 62 38.06 22.96 10.12
N ASN B 63 39.08 22.14 10.22
CA ASN B 63 38.88 20.72 10.11
C ASN B 63 37.86 20.18 11.11
N LEU B 64 37.89 20.67 12.37
CA LEU B 64 36.92 20.25 13.34
C LEU B 64 35.49 20.62 12.92
N GLY B 65 35.28 21.79 12.32
CA GLY B 65 33.98 22.19 11.80
C GLY B 65 33.52 21.25 10.69
N ALA B 66 34.42 20.88 9.78
CA ALA B 66 34.03 20.00 8.68
C ALA B 66 33.82 18.57 9.16
N SER B 67 34.58 18.11 10.12
CA SER B 67 34.29 16.77 10.61
C SER B 67 33.04 16.72 11.51
N ALA B 68 32.70 17.82 12.15
CA ALA B 68 31.46 17.90 12.90
C ALA B 68 30.28 17.79 11.98
N LYS B 69 30.26 18.55 10.89
CA LYS B 69 29.19 18.43 9.88
C LYS B 69 29.05 16.98 9.42
N ASN B 70 30.16 16.32 9.11
CA ASN B 70 30.11 14.92 8.69
C ASN B 70 29.45 14.07 9.73
N LEU B 71 29.73 14.30 11.01
CA LEU B 71 29.22 13.41 12.04
C LEU B 71 27.77 13.71 12.38
N ILE B 72 27.40 14.98 12.55
CA ILE B 72 26.07 15.31 13.03
C ILE B 72 25.12 15.89 11.98
N GLY B 73 25.65 16.30 10.84
CA GLY B 73 24.84 16.84 9.77
C GLY B 73 24.58 15.93 8.62
N ASP B 74 25.30 14.81 8.50
CA ASP B 74 25.15 13.89 7.37
C ASP B 74 24.49 12.59 7.83
N THR B 75 24.07 11.81 6.87
CA THR B 75 23.45 10.54 7.19
C THR B 75 24.29 9.39 6.70
N LYS B 76 24.18 9.07 5.42
CA LYS B 76 24.90 7.93 4.88
C LYS B 76 26.39 7.90 5.26
N ASN B 77 27.07 9.04 5.24
CA ASN B 77 28.48 9.09 5.53
C ASN B 77 28.83 9.39 6.98
N SER B 78 27.85 9.36 7.89
CA SER B 78 28.16 9.56 9.27
C SER B 78 28.20 8.21 10.00
N PRO B 79 29.34 7.88 10.55
CA PRO B 79 29.45 6.71 11.37
C PRO B 79 28.51 6.78 12.55
N ALA B 80 28.35 7.97 13.07
CA ALA B 80 27.49 8.21 14.21
C ALA B 80 26.00 7.92 13.86
N TYR B 81 25.55 8.44 12.73
CA TYR B 81 24.24 8.12 12.27
C TYR B 81 24.09 6.63 12.06
N GLN B 82 25.05 5.98 11.43
CA GLN B 82 24.87 4.55 11.10
C GLN B 82 24.77 3.70 12.36
N ALA B 83 25.50 4.08 13.40
CA ALA B 83 25.48 3.36 14.65
C ALA B 83 24.18 3.54 15.43
N VAL B 84 23.63 4.74 15.41
CA VAL B 84 22.31 4.98 15.98
C VAL B 84 21.27 4.13 15.27
N LEU B 85 21.30 4.16 13.96
CA LEU B 85 20.39 3.33 13.15
C LEU B 85 20.57 1.86 13.46
N LEU B 86 21.80 1.42 13.72
CA LEU B 86 22.02 0.00 13.96
C LEU B 86 21.45 -0.42 15.27
N ALA B 87 21.61 0.43 16.26
CA ALA B 87 21.07 0.16 17.58
C ALA B 87 19.54 0.08 17.57
N ILE B 88 18.90 0.93 16.80
CA ILE B 88 17.47 0.91 16.72
C ILE B 88 17.02 -0.31 15.94
N ASN B 89 17.62 -0.57 14.80
CA ASN B 89 17.22 -1.72 14.04
C ASN B 89 17.45 -3.03 14.73
N ALA B 90 18.42 -3.13 15.60
CA ALA B 90 18.64 -4.37 16.26
C ALA B 90 17.49 -4.65 17.22
N ALA B 91 16.97 -3.62 17.87
CA ALA B 91 15.87 -3.78 18.82
C ALA B 91 14.62 -4.23 18.10
N VAL B 92 14.25 -3.48 17.09
CA VAL B 92 13.11 -3.80 16.27
C VAL B 92 13.29 -5.18 15.68
N GLY B 93 14.48 -5.48 15.21
CA GLY B 93 14.72 -6.81 14.61
C GLY B 93 14.48 -7.93 15.59
N PHE B 94 14.85 -7.71 16.81
CA PHE B 94 14.74 -8.73 17.83
C PHE B 94 13.25 -9.11 18.04
N TRP B 95 12.38 -8.13 18.15
CA TRP B 95 10.95 -8.40 18.18
C TRP B 95 10.42 -8.99 16.87
N ASN B 96 10.92 -8.55 15.72
CA ASN B 96 10.44 -9.17 14.49
C ASN B 96 10.78 -10.67 14.49
N VAL B 97 11.87 -11.05 15.16
CA VAL B 97 12.25 -12.46 15.17
C VAL B 97 11.36 -13.29 16.08
N LEU B 98 11.07 -12.77 17.27
CA LEU B 98 10.43 -13.58 18.34
C LEU B 98 8.98 -13.21 18.67
N GLY B 99 8.49 -12.09 18.18
CA GLY B 99 7.17 -11.62 18.50
C GLY B 99 6.08 -12.67 18.24
N TYR B 100 6.11 -13.35 17.12
CA TYR B 100 5.08 -14.31 16.79
C TYR B 100 5.07 -15.47 17.75
N ALA B 101 6.16 -15.68 18.45
CA ALA B 101 6.29 -16.90 19.27
C ALA B 101 5.89 -16.65 20.70
N THR B 102 5.54 -15.42 20.98
CA THR B 102 5.45 -14.95 22.34
C THR B 102 4.01 -15.07 22.78
N GLN B 103 3.73 -15.69 23.93
CA GLN B 103 2.38 -15.77 24.34
C GLN B 103 1.95 -14.45 24.92
N CYS B 104 0.71 -14.03 24.64
CA CYS B 104 0.12 -12.93 25.39
C CYS B 104 -1.35 -13.22 25.58
N GLY B 105 -1.94 -12.58 26.59
CA GLY B 105 -3.35 -12.74 26.82
C GLY B 105 -3.80 -12.14 28.14
N GLY B 106 -5.00 -12.53 28.56
CA GLY B 106 -5.60 -12.01 29.77
C GLY B 106 -6.38 -10.72 29.59
N ASN B 107 -6.78 -10.17 30.71
CA ASN B 107 -7.60 -8.98 30.77
C ASN B 107 -6.79 -7.80 31.26
N ALA B 108 -7.46 -6.71 31.62
CA ALA B 108 -6.83 -5.41 31.72
C ALA B 108 -6.00 -5.22 32.97
N ASN B 109 -6.22 -5.99 34.02
CA ASN B 109 -5.47 -5.74 35.27
C ASN B 109 -4.28 -6.68 35.42
N GLY B 110 -3.75 -7.16 34.29
CA GLY B 110 -2.88 -8.33 34.22
C GLY B 110 -3.52 -9.65 34.65
N GLN B 111 -4.83 -9.69 34.74
CA GLN B 111 -5.54 -10.85 35.28
C GLN B 111 -5.72 -11.86 34.18
N GLU B 112 -5.83 -13.13 34.55
CA GLU B 112 -6.22 -14.12 33.57
C GLU B 112 -7.63 -13.85 33.06
N SER B 113 -7.89 -14.26 31.83
CA SER B 113 -9.20 -14.06 31.18
C SER B 113 -9.84 -15.40 30.92
N THR B 114 -11.17 -15.44 30.78
CA THR B 114 -11.81 -16.70 30.45
C THR B 114 -12.02 -16.83 28.92
N SER B 115 -12.28 -15.74 28.19
CA SER B 115 -12.34 -15.85 26.73
C SER B 115 -12.09 -14.52 26.00
N SER B 116 -10.85 -14.03 26.02
CA SER B 116 -10.53 -12.74 25.49
C SER B 116 -9.57 -12.95 24.37
N THR B 117 -9.87 -12.39 23.22
CA THR B 117 -8.95 -12.27 22.10
C THR B 117 -8.74 -10.81 21.89
N THR B 118 -7.49 -10.39 21.95
CA THR B 118 -7.11 -9.02 21.70
C THR B 118 -6.08 -9.05 20.59
N ILE B 119 -6.35 -8.36 19.50
CA ILE B 119 -5.47 -8.42 18.34
C ILE B 119 -4.82 -7.05 18.04
N PHE B 120 -3.51 -7.05 17.85
CA PHE B 120 -2.75 -5.83 17.59
C PHE B 120 -2.28 -5.74 16.17
N ASN B 121 -2.77 -4.76 15.41
CA ASN B 121 -2.42 -4.68 13.98
C ASN B 121 -1.05 -4.11 13.71
N ASN B 122 -0.56 -4.37 12.50
CA ASN B 122 0.78 -4.02 12.04
C ASN B 122 1.85 -4.53 13.00
N GLU B 123 1.76 -5.82 13.30
CA GLU B 123 2.69 -6.52 14.18
C GLU B 123 3.03 -7.85 13.49
N PRO B 124 4.26 -8.35 13.68
CA PRO B 124 4.70 -9.50 12.90
C PRO B 124 4.32 -10.85 13.46
N GLY B 125 3.11 -11.25 13.18
CA GLY B 125 2.59 -12.52 13.69
C GLY B 125 2.84 -13.64 12.74
N TYR B 126 2.40 -14.84 13.11
CA TYR B 126 2.63 -16.08 12.37
C TYR B 126 1.80 -16.06 11.14
N ARG B 127 2.45 -16.01 9.99
CA ARG B 127 1.77 -15.91 8.70
C ARG B 127 0.72 -14.85 8.75
N SER B 128 1.06 -13.71 9.35
CA SER B 128 0.08 -12.66 9.54
C SER B 128 0.72 -11.29 9.79
N THR B 129 -0.05 -10.24 9.58
CA THR B 129 0.39 -8.89 9.92
C THR B 129 -0.21 -8.40 11.21
N SER B 130 -0.81 -9.32 11.96
CA SER B 130 -1.23 -9.02 13.31
C SER B 130 -0.72 -10.07 14.30
N ILE B 131 -0.68 -9.67 15.56
CA ILE B 131 -0.36 -10.57 16.62
C ILE B 131 -1.59 -10.65 17.49
N THR B 132 -1.98 -11.89 17.77
CA THR B 132 -3.21 -12.19 18.48
C THR B 132 -2.91 -12.63 19.90
N CYS B 133 -3.44 -11.92 20.87
CA CYS B 133 -3.24 -12.30 22.27
C CYS B 133 -4.46 -13.02 22.79
N SER B 134 -4.47 -14.35 22.73
CA SER B 134 -5.72 -15.06 23.01
C SER B 134 -5.53 -16.21 23.95
N LEU B 135 -4.47 -16.13 24.73
CA LEU B 135 -4.18 -17.18 25.66
C LEU B 135 -5.02 -16.97 26.92
N ASN B 136 -5.98 -17.86 27.16
CA ASN B 136 -6.79 -17.73 28.33
C ASN B 136 -6.38 -18.65 29.44
N ARG B 137 -6.84 -18.30 30.65
CA ARG B 137 -6.79 -19.13 31.85
C ARG B 137 -5.44 -19.09 32.54
N TYR B 138 -4.37 -19.10 31.75
CA TYR B 138 -3.03 -19.00 32.24
C TYR B 138 -2.78 -17.60 32.83
N LYS B 139 -2.08 -17.58 33.94
CA LYS B 139 -1.82 -16.33 34.60
C LYS B 139 -0.77 -15.53 33.80
N PRO B 140 -1.07 -14.26 33.43
CA PRO B 140 -0.01 -13.44 32.83
C PRO B 140 1.08 -13.18 33.79
N GLY B 141 2.29 -12.99 33.29
CA GLY B 141 3.47 -12.76 34.17
C GLY B 141 4.71 -13.46 33.65
N TYR B 142 5.72 -13.49 34.50
CA TYR B 142 7.04 -14.01 34.21
C TYR B 142 6.95 -15.50 33.77
N TYR B 143 7.55 -15.85 32.64
CA TYR B 143 7.48 -17.24 32.13
C TYR B 143 6.04 -17.66 31.91
N GLY B 144 5.16 -16.69 31.71
CA GLY B 144 3.81 -16.98 31.21
C GLY B 144 3.45 -16.03 30.10
N PRO B 145 2.18 -15.94 29.77
CA PRO B 145 1.84 -14.93 28.78
C PRO B 145 2.17 -13.50 29.19
N MET B 146 2.49 -12.66 28.20
CA MET B 146 2.64 -11.24 28.45
C MET B 146 1.26 -10.62 28.69
N SER B 147 1.18 -9.75 29.69
CA SER B 147 -0.08 -9.07 29.91
C SER B 147 -0.34 -8.09 28.77
N ILE B 148 -1.61 -7.78 28.57
CA ILE B 148 -1.98 -6.79 27.63
C ILE B 148 -1.46 -5.41 27.99
N GLU B 149 -1.28 -5.13 29.26
CA GLU B 149 -0.67 -3.86 29.64
C GLU B 149 0.76 -3.72 29.09
N ASN B 150 1.59 -4.74 29.27
CA ASN B 150 2.93 -4.72 28.71
C ASN B 150 2.90 -4.74 27.21
N PHE B 151 2.00 -5.51 26.63
CA PHE B 151 2.00 -5.58 25.20
C PHE B 151 1.65 -4.22 24.62
N LYS B 152 0.68 -3.53 25.20
CA LYS B 152 0.40 -2.15 24.75
C LYS B 152 1.59 -1.22 24.78
N LYS B 153 2.38 -1.34 25.81
CA LYS B 153 3.51 -0.46 25.97
C LYS B 153 4.57 -0.83 24.90
N LEU B 154 4.76 -2.12 24.70
CA LEU B 154 5.63 -2.62 23.68
C LEU B 154 5.17 -2.26 22.27
N ASN B 155 3.90 -2.49 22.01
CA ASN B 155 3.38 -2.20 20.69
C ASN B 155 3.49 -0.71 20.31
N GLU B 156 3.15 0.18 21.23
CA GLU B 156 3.28 1.61 20.93
C GLU B 156 4.73 1.99 20.53
N ALA B 157 5.71 1.51 21.28
CA ALA B 157 7.11 1.77 20.92
C ALA B 157 7.45 1.19 19.52
N TYR B 158 7.00 -0.02 19.25
CA TYR B 158 7.25 -0.68 18.00
C TYR B 158 6.63 0.08 16.86
N GLN B 159 5.43 0.61 17.03
CA GLN B 159 4.78 1.35 15.91
C GLN B 159 5.46 2.68 15.70
N ILE B 160 5.95 3.30 16.75
CA ILE B 160 6.62 4.55 16.57
C ILE B 160 7.95 4.31 15.85
N LEU B 161 8.64 3.28 16.26
CA LEU B 161 9.92 3.00 15.65
C LEU B 161 9.72 2.62 14.23
N GLN B 162 8.73 1.79 13.94
CA GLN B 162 8.57 1.37 12.55
C GLN B 162 8.18 2.56 11.67
N THR B 163 7.42 3.51 12.20
CA THR B 163 6.99 4.61 11.38
C THR B 163 8.21 5.46 11.08
N ALA B 164 9.01 5.72 12.10
CA ALA B 164 10.18 6.57 11.92
C ALA B 164 11.20 5.95 10.97
N LEU B 165 11.44 4.65 11.08
CA LEU B 165 12.39 3.97 10.19
C LEU B 165 11.92 4.08 8.79
N ASN B 166 10.62 4.01 8.61
CA ASN B 166 10.06 4.03 7.29
C ASN B 166 10.22 5.38 6.61
N LYS B 167 10.11 6.45 7.38
CA LYS B 167 10.22 7.77 6.81
C LYS B 167 11.71 8.10 6.66
N GLY B 168 12.55 7.47 7.45
CA GLY B 168 14.00 7.70 7.47
C GLY B 168 14.37 8.57 8.66
N LEU B 169 15.37 8.16 9.42
CA LEU B 169 15.81 8.96 10.56
C LEU B 169 16.53 10.17 10.11
N PRO B 170 16.41 11.27 10.87
CA PRO B 170 17.09 12.51 10.47
C PRO B 170 18.53 12.56 11.01
N ALA B 171 19.31 13.51 10.52
CA ALA B 171 20.68 13.66 11.03
C ALA B 171 20.66 13.98 12.50
N LEU B 172 21.72 13.67 13.21
CA LEU B 172 21.77 13.83 14.65
C LEU B 172 21.50 15.26 15.14
N LYS B 173 21.74 16.25 14.31
CA LYS B 173 21.67 17.60 14.77
C LYS B 173 20.22 18.04 14.69
N GLU B 174 19.41 17.32 13.92
CA GLU B 174 17.99 17.61 13.82
C GLU B 174 17.24 17.12 15.05
N ASN B 175 16.97 18.01 16.00
CA ASN B 175 16.25 17.66 17.21
C ASN B 175 14.80 18.07 17.28
N ASN B 176 14.24 18.73 16.26
CA ASN B 176 12.86 19.18 16.35
C ASN B 176 11.91 18.54 15.34
N GLY B 177 12.31 17.44 14.73
CA GLY B 177 11.43 16.74 13.80
C GLY B 177 10.39 15.92 14.55
N THR B 178 9.25 15.74 13.91
CA THR B 178 8.18 14.95 14.49
C THR B 178 7.62 14.00 13.45
N VAL B 179 6.94 12.95 13.92
CA VAL B 179 6.24 12.05 13.06
C VAL B 179 4.82 11.82 13.60
N SER B 180 3.91 11.47 12.68
CA SER B 180 2.58 10.99 13.06
C SER B 180 2.50 9.50 12.96
N VAL B 181 1.81 8.89 13.91
CA VAL B 181 1.76 7.44 14.06
C VAL B 181 0.32 7.05 14.31
N THR B 182 -0.16 6.04 13.62
CA THR B 182 -1.49 5.54 13.82
C THR B 182 -1.44 4.05 13.97
N TYR B 183 -2.17 3.50 14.92
CA TYR B 183 -2.19 2.05 15.08
C TYR B 183 -3.55 1.61 15.65
N THR B 184 -3.88 0.33 15.51
CA THR B 184 -5.18 -0.14 15.90
C THR B 184 -5.05 -1.49 16.60
N TYR B 185 -6.02 -1.77 17.48
CA TYR B 185 -6.17 -3.11 18.05
C TYR B 185 -7.61 -3.37 18.34
N THR B 186 -7.94 -4.65 18.42
CA THR B 186 -9.33 -5.06 18.53
C THR B 186 -9.48 -6.04 19.66
N CYS B 187 -10.67 -6.03 20.25
CA CYS B 187 -11.07 -6.85 21.40
C CYS B 187 -12.30 -7.60 21.06
N SER B 188 -12.26 -8.92 21.21
CA SER B 188 -13.46 -9.72 21.12
C SER B 188 -13.48 -10.74 22.23
N GLY B 189 -14.62 -11.42 22.36
CA GLY B 189 -14.84 -12.44 23.34
C GLY B 189 -15.61 -11.92 24.54
N GLU B 190 -16.47 -12.78 25.08
CA GLU B 190 -17.23 -12.45 26.28
C GLU B 190 -16.29 -12.11 27.44
N GLY B 191 -16.52 -10.98 28.11
CA GLY B 191 -15.72 -10.57 29.25
C GLY B 191 -14.49 -9.71 28.92
N ASN B 192 -14.18 -9.50 27.64
CA ASN B 192 -12.92 -8.84 27.29
C ASN B 192 -13.04 -7.35 27.56
N ASP B 193 -12.21 -6.88 28.46
CA ASP B 193 -12.24 -5.49 28.91
C ASP B 193 -11.02 -4.66 28.45
N ASN B 194 -10.22 -5.21 27.56
CA ASN B 194 -9.05 -4.46 27.14
C ASN B 194 -9.33 -3.23 26.24
N CYS B 195 -10.57 -3.05 25.83
CA CYS B 195 -10.96 -1.89 25.02
C CYS B 195 -11.97 -0.99 25.75
N SER B 196 -12.12 -1.20 27.05
CA SER B 196 -13.08 -0.47 27.84
C SER B 196 -12.71 1.01 28.10
N LYS B 197 -13.68 1.75 28.65
CA LYS B 197 -13.48 3.10 29.11
C LYS B 197 -12.29 3.17 30.08
N LYS B 198 -12.23 2.24 31.03
CA LYS B 198 -11.15 2.29 32.02
C LYS B 198 -9.78 2.00 31.39
N ALA B 199 -9.72 1.08 30.42
CA ALA B 199 -8.45 0.75 29.76
C ALA B 199 -7.94 1.86 28.81
N THR B 200 -8.87 2.68 28.35
CA THR B 200 -8.73 3.48 27.16
C THR B 200 -8.90 4.99 27.44
N GLY B 201 -9.88 5.35 28.28
CA GLY B 201 -10.17 6.76 28.56
C GLY B 201 -11.36 7.31 27.78
N VAL B 202 -11.92 6.49 26.90
CA VAL B 202 -12.97 6.90 25.91
C VAL B 202 -14.41 6.63 26.40
N SER B 203 -15.27 7.64 26.38
CA SER B 203 -16.60 7.52 26.99
C SER B 203 -17.53 6.49 26.35
N ASP B 204 -17.86 6.65 25.08
CA ASP B 204 -18.80 5.72 24.40
C ASP B 204 -18.03 4.76 23.49
N GLN B 205 -18.20 3.46 23.72
CA GLN B 205 -17.54 2.42 22.92
C GLN B 205 -17.83 2.56 21.42
N ASN B 206 -19.01 3.07 21.08
CA ASN B 206 -19.37 3.28 19.69
C ASN B 206 -19.34 4.74 19.25
N GLY B 207 -18.28 5.11 18.51
CA GLY B 207 -18.12 6.43 17.93
C GLY B 207 -17.38 7.45 18.78
N GLY B 208 -16.99 7.08 20.00
CA GLY B 208 -16.42 8.03 20.96
C GLY B 208 -15.00 8.41 20.62
N THR B 209 -14.56 9.56 21.13
CA THR B 209 -13.20 10.08 20.93
C THR B 209 -12.71 10.76 22.21
N LYS B 210 -11.42 10.64 22.48
CA LYS B 210 -10.80 11.37 23.56
C LYS B 210 -9.47 11.90 23.08
N THR B 211 -9.18 13.14 23.44
CA THR B 211 -7.92 13.77 23.10
C THR B 211 -7.20 14.14 24.37
N LYS B 212 -5.97 13.68 24.53
CA LYS B 212 -5.12 14.11 25.62
C LYS B 212 -3.78 14.47 25.06
N THR B 213 -3.01 15.24 25.83
CA THR B 213 -1.68 15.70 25.43
C THR B 213 -0.66 15.28 26.47
N GLN B 214 0.60 15.47 26.14
CA GLN B 214 1.74 15.04 26.93
C GLN B 214 2.85 16.03 26.65
N THR B 215 3.35 16.71 27.68
CA THR B 215 4.48 17.62 27.54
C THR B 215 5.79 16.84 27.77
N ILE B 216 6.07 15.85 26.89
CA ILE B 216 7.28 14.94 26.93
C ILE B 216 8.55 15.60 27.50
N ASP B 217 9.12 16.51 26.72
CA ASP B 217 10.32 17.25 27.10
C ASP B 217 10.38 18.33 26.03
N GLY B 218 10.00 19.55 26.42
CA GLY B 218 9.90 20.68 25.50
C GLY B 218 8.72 20.65 24.54
N LYS B 219 8.35 19.44 24.06
CA LYS B 219 7.34 19.24 22.99
C LYS B 219 6.01 18.59 23.39
N THR B 220 4.93 19.15 22.85
CA THR B 220 3.59 18.63 23.04
C THR B 220 3.19 17.48 22.07
N VAL B 221 2.91 16.30 22.61
CA VAL B 221 2.43 15.16 21.81
C VAL B 221 0.93 15.00 21.98
N THR B 222 0.18 15.12 20.89
CA THR B 222 -1.27 14.99 20.94
C THR B 222 -1.71 13.59 20.59
N THR B 223 -2.60 13.04 21.38
CA THR B 223 -3.07 11.67 21.20
C THR B 223 -4.59 11.69 21.08
N THR B 224 -5.09 11.01 20.07
CA THR B 224 -6.50 10.93 19.84
C THR B 224 -6.86 9.48 19.78
N ILE B 225 -7.80 9.07 20.63
CA ILE B 225 -8.18 7.68 20.77
C ILE B 225 -9.62 7.58 20.35
N SER B 226 -9.95 6.66 19.46
CA SER B 226 -11.32 6.54 19.01
C SER B 226 -11.72 5.07 19.05
N SER B 227 -13.00 4.84 19.28
CA SER B 227 -13.49 3.51 19.52
C SER B 227 -14.65 3.29 18.60
N LYS B 228 -14.74 2.09 18.06
CA LYS B 228 -15.84 1.72 17.22
C LYS B 228 -16.20 0.26 17.54
N VAL B 229 -17.46 -0.07 17.35
CA VAL B 229 -17.97 -1.42 17.52
C VAL B 229 -18.46 -1.97 16.18
N VAL B 230 -18.05 -3.18 15.87
CA VAL B 230 -18.48 -3.88 14.68
C VAL B 230 -19.20 -5.14 15.13
N ASP B 231 -20.49 -5.24 14.83
CA ASP B 231 -21.31 -6.39 15.22
C ASP B 231 -20.88 -7.63 14.43
N SER B 232 -21.15 -8.81 14.98
CA SER B 232 -20.81 -10.08 14.31
C SER B 232 -21.37 -10.24 12.89
N GLN B 233 -22.58 -9.76 12.65
CA GLN B 233 -23.21 -9.96 11.31
C GLN B 233 -23.20 -8.75 10.38
N ALA B 234 -22.59 -7.63 10.77
CA ALA B 234 -22.34 -6.53 9.84
C ALA B 234 -21.57 -7.08 8.63
N LYS B 235 -21.92 -6.60 7.44
CA LYS B 235 -21.24 -7.03 6.22
C LYS B 235 -19.87 -6.42 6.21
N GLY B 236 -18.95 -7.13 5.59
CA GLY B 236 -17.56 -6.75 5.60
C GLY B 236 -16.94 -7.12 6.93
N ASN B 237 -17.60 -7.99 7.70
CA ASN B 237 -17.00 -8.65 8.86
C ASN B 237 -16.75 -10.11 8.52
N THR B 238 -15.58 -10.39 7.96
CA THR B 238 -15.25 -11.75 7.50
C THR B 238 -15.14 -12.69 8.70
N THR B 239 -14.36 -12.30 9.71
CA THR B 239 -14.26 -13.06 10.97
C THR B 239 -15.53 -13.69 11.64
N ARG B 240 -16.71 -13.10 11.52
CA ARG B 240 -17.94 -13.73 12.11
C ARG B 240 -18.19 -13.52 13.62
N VAL B 241 -17.35 -12.74 14.29
CA VAL B 241 -17.57 -12.42 15.72
C VAL B 241 -17.59 -10.89 15.95
N SER B 242 -18.21 -10.45 17.06
CA SER B 242 -18.33 -9.02 17.38
C SER B 242 -17.09 -8.44 18.04
N TYR B 243 -16.65 -7.26 17.62
CA TYR B 243 -15.46 -6.69 18.20
C TYR B 243 -15.48 -5.19 18.36
N THR B 244 -14.61 -4.73 19.24
CA THR B 244 -14.39 -3.33 19.44
C THR B 244 -13.04 -2.97 18.85
N GLU B 245 -12.97 -1.85 18.13
CA GLU B 245 -11.72 -1.40 17.55
C GLU B 245 -11.27 -0.08 18.15
N ILE B 246 -10.00 -0.02 18.52
CA ILE B 246 -9.43 1.17 19.10
C ILE B 246 -8.38 1.70 18.16
N THR B 247 -8.51 2.97 17.79
CA THR B 247 -7.54 3.62 16.96
C THR B 247 -6.82 4.61 17.84
N ASN B 248 -5.50 4.64 17.73
CA ASN B 248 -4.71 5.64 18.41
C ASN B 248 -3.98 6.42 17.36
N LYS B 249 -4.04 7.73 17.47
CA LYS B 249 -3.40 8.60 16.53
C LYS B 249 -2.54 9.58 17.32
N LEU B 250 -1.24 9.55 17.09
CA LEU B 250 -0.34 10.39 17.83
C LEU B 250 0.23 11.37 16.84
N ASP B 251 0.12 12.66 17.11
CA ASP B 251 0.72 13.70 16.27
C ASP B 251 1.82 14.39 17.04
N GLY B 252 2.90 14.79 16.35
CA GLY B 252 3.99 15.50 17.00
C GLY B 252 4.88 14.57 17.84
N VAL B 253 4.94 13.30 17.49
CA VAL B 253 5.87 12.41 18.18
C VAL B 253 7.30 12.77 17.79
N PRO B 254 8.14 13.14 18.76
CA PRO B 254 9.55 13.39 18.40
C PRO B 254 10.30 12.19 17.75
N ASP B 255 10.91 12.44 16.57
CA ASP B 255 11.77 11.47 15.92
C ASP B 255 13.28 11.76 16.07
N SER B 256 13.67 12.57 17.04
CA SER B 256 15.08 12.80 17.25
C SER B 256 15.76 11.44 17.61
N ALA B 257 17.04 11.32 17.36
CA ALA B 257 17.77 10.17 17.77
C ALA B 257 17.60 9.83 19.26
N GLN B 258 17.74 10.81 20.12
CA GLN B 258 17.58 10.60 21.55
C GLN B 258 16.15 10.07 21.82
N ALA B 259 15.14 10.69 21.23
CA ALA B 259 13.78 10.21 21.44
C ALA B 259 13.58 8.77 20.94
N LEU B 260 14.17 8.40 19.80
CA LEU B 260 13.96 7.08 19.25
C LEU B 260 14.74 6.02 19.96
N LEU B 261 15.88 6.40 20.50
CA LEU B 261 16.64 5.46 21.26
C LEU B 261 15.88 5.14 22.52
N ALA B 262 15.24 6.14 23.12
CA ALA B 262 14.38 5.93 24.29
C ALA B 262 13.21 4.97 23.94
N GLN B 263 12.61 5.07 22.77
CA GLN B 263 11.60 4.07 22.36
C GLN B 263 12.18 2.69 22.18
N ALA B 264 13.36 2.58 21.59
CA ALA B 264 13.98 1.26 21.44
C ALA B 264 14.28 0.64 22.80
N SER B 265 14.74 1.46 23.73
CA SER B 265 14.97 1.02 25.09
C SER B 265 13.69 0.49 25.76
N THR B 266 12.60 1.23 25.63
CA THR B 266 11.32 0.78 26.15
C THR B 266 10.95 -0.58 25.60
N LEU B 267 11.15 -0.75 24.30
CA LEU B 267 10.80 -2.00 23.60
C LEU B 267 11.57 -3.16 24.17
N ILE B 268 12.86 -3.02 24.23
CA ILE B 268 13.65 -4.11 24.65
C ILE B 268 13.52 -4.34 26.15
N ASN B 269 13.45 -3.28 26.95
CA ASN B 269 13.26 -3.50 28.39
C ASN B 269 11.88 -4.05 28.81
N THR B 270 10.83 -3.66 28.13
CA THR B 270 9.55 -4.29 28.39
C THR B 270 9.62 -5.81 28.20
N ILE B 271 10.19 -6.21 27.10
CA ILE B 271 10.39 -7.63 26.81
C ILE B 271 11.21 -8.27 27.92
N ASN B 272 12.29 -7.64 28.29
CA ASN B 272 13.17 -8.28 29.23
C ASN B 272 12.56 -8.36 30.65
N THR B 273 11.77 -7.35 31.05
CA THR B 273 11.14 -7.30 32.37
C THR B 273 9.90 -8.22 32.41
N ALA B 274 9.05 -8.13 31.40
CA ALA B 274 7.89 -9.02 31.35
C ALA B 274 8.29 -10.50 31.21
N CYS B 275 9.35 -10.75 30.43
CA CYS B 275 9.93 -12.07 30.29
C CYS B 275 8.88 -13.18 30.07
N PRO B 276 8.16 -13.13 28.98
CA PRO B 276 7.11 -14.08 28.75
C PRO B 276 7.56 -15.38 28.18
N TYR B 277 6.70 -16.37 28.30
CA TYR B 277 6.89 -17.64 27.65
C TYR B 277 6.84 -17.43 26.14
N PHE B 278 7.70 -18.14 25.43
CA PHE B 278 7.61 -18.23 24.00
C PHE B 278 7.72 -19.66 23.55
N SER B 279 7.14 -19.97 22.40
CA SER B 279 7.54 -21.18 21.67
C SER B 279 7.44 -20.99 20.16
N VAL B 280 8.50 -21.41 19.48
CA VAL B 280 8.70 -21.18 18.08
C VAL B 280 8.26 -22.38 17.24
N THR B 281 7.85 -22.05 16.01
CA THR B 281 7.75 -22.99 14.90
C THR B 281 9.07 -22.96 14.13
N ASN B 282 9.80 -24.06 14.14
CA ASN B 282 10.96 -24.17 13.24
C ASN B 282 10.51 -24.56 11.83
N LYS B 283 10.66 -23.60 10.93
CA LYS B 283 10.44 -23.80 9.49
C LYS B 283 11.33 -24.96 8.98
N SER B 284 10.68 -26.07 8.65
CA SER B 284 11.39 -27.33 8.35
C SER B 284 12.14 -27.29 7.01
N GLY B 285 13.30 -26.65 7.03
CA GLY B 285 14.12 -26.42 5.84
C GLY B 285 15.46 -25.88 6.30
N GLY B 286 15.58 -24.55 6.43
CA GLY B 286 16.87 -23.88 6.74
C GLY B 286 17.22 -23.68 8.23
N PRO B 287 16.99 -22.47 8.78
CA PRO B 287 17.59 -22.03 10.06
C PRO B 287 16.83 -22.49 11.30
N GLN B 288 17.55 -22.99 12.32
CA GLN B 288 16.90 -23.66 13.47
C GLN B 288 17.07 -22.89 14.76
N MET B 289 15.95 -22.53 15.39
CA MET B 289 15.99 -21.76 16.63
C MET B 289 16.24 -22.65 17.84
N GLU B 290 17.12 -22.19 18.72
CA GLU B 290 17.24 -22.84 20.03
C GLU B 290 17.42 -21.79 21.16
N PRO B 291 16.84 -22.08 22.33
CA PRO B 291 15.96 -23.26 22.50
C PRO B 291 14.61 -22.98 21.80
N THR B 292 13.71 -23.93 21.81
CA THR B 292 12.46 -23.84 21.05
C THR B 292 11.22 -23.43 21.92
N ARG B 293 11.33 -23.61 23.21
CA ARG B 293 10.32 -23.25 24.17
C ARG B 293 11.10 -22.49 25.22
N GLY B 294 10.48 -21.57 25.93
CA GLY B 294 11.16 -21.00 27.09
C GLY B 294 10.66 -19.61 27.43
N LYS B 295 11.52 -18.86 28.07
CA LYS B 295 11.18 -17.51 28.47
C LYS B 295 12.05 -16.51 27.70
N LEU B 296 11.48 -15.37 27.36
CA LEU B 296 12.12 -14.52 26.41
C LEU B 296 13.42 -13.93 26.95
N CYS B 297 13.50 -13.71 28.26
CA CYS B 297 14.68 -13.12 28.80
C CYS B 297 15.83 -14.15 28.89
N GLY B 298 15.57 -15.40 28.50
CA GLY B 298 16.60 -16.45 28.37
C GLY B 298 17.58 -16.23 27.21
N PHE B 299 17.26 -15.32 26.30
CA PHE B 299 18.21 -14.82 25.33
C PHE B 299 19.08 -13.74 25.97
N THR B 300 19.91 -14.12 26.95
CA THR B 300 20.62 -13.13 27.76
C THR B 300 21.67 -12.43 26.92
N GLU B 301 22.43 -13.17 26.12
CA GLU B 301 23.48 -12.53 25.33
C GLU B 301 22.89 -11.54 24.31
N GLU B 302 21.75 -11.88 23.72
CA GLU B 302 21.17 -11.05 22.70
C GLU B 302 20.55 -9.80 23.30
N ILE B 303 19.78 -9.95 24.37
CA ILE B 303 19.23 -8.78 25.05
C ILE B 303 20.30 -7.87 25.66
N SER B 304 21.33 -8.43 26.32
CA SER B 304 22.42 -7.62 26.82
C SER B 304 23.08 -6.80 25.71
N ALA B 305 23.32 -7.46 24.58
CA ALA B 305 24.03 -6.82 23.50
C ALA B 305 23.21 -5.67 22.98
N ILE B 306 21.94 -5.90 22.74
CA ILE B 306 21.08 -4.82 22.33
C ILE B 306 21.03 -3.69 23.36
N GLN B 307 20.94 -4.01 24.64
CA GLN B 307 20.90 -2.95 25.63
C GLN B 307 22.17 -2.15 25.65
N LYS B 308 23.27 -2.82 25.43
CA LYS B 308 24.53 -2.17 25.39
C LYS B 308 24.64 -1.29 24.16
N MET B 309 24.17 -1.77 23.02
CA MET B 309 24.16 -0.92 21.83
C MET B 309 23.40 0.37 22.05
N ILE B 310 22.21 0.26 22.64
CA ILE B 310 21.41 1.41 22.89
C ILE B 310 22.12 2.37 23.87
N THR B 311 22.57 1.86 25.00
CA THR B 311 23.33 2.65 25.93
C THR B 311 24.50 3.40 25.28
N ASP B 312 25.26 2.72 24.43
CA ASP B 312 26.39 3.36 23.73
C ASP B 312 25.93 4.42 22.71
N ALA B 313 24.89 4.14 21.98
CA ALA B 313 24.35 5.12 21.08
C ALA B 313 23.81 6.31 21.83
N GLN B 314 23.26 6.13 23.03
CA GLN B 314 22.77 7.26 23.80
C GLN B 314 23.89 8.13 24.26
N GLU B 315 25.00 7.54 24.72
CA GLU B 315 26.18 8.32 25.07
C GLU B 315 26.76 9.03 23.86
N LEU B 316 26.76 8.35 22.75
CA LEU B 316 27.25 8.94 21.54
C LEU B 316 26.48 10.19 21.15
N VAL B 317 25.16 10.09 21.17
CA VAL B 317 24.32 11.21 20.84
C VAL B 317 24.45 12.35 21.85
N ASN B 318 24.76 12.07 23.11
CA ASN B 318 25.07 13.11 24.05
C ASN B 318 26.34 13.93 23.76
N GLN B 319 27.28 13.42 22.96
CA GLN B 319 28.41 14.26 22.55
C GLN B 319 28.01 15.41 21.61
N THR B 320 26.86 15.31 20.96
CA THR B 320 26.35 16.37 20.11
C THR B 320 26.31 17.74 20.76
N SER B 321 25.83 17.84 21.99
CA SER B 321 25.74 19.14 22.60
C SER B 321 27.13 19.67 23.02
N VAL B 322 28.05 18.76 23.36
CA VAL B 322 29.44 19.18 23.63
C VAL B 322 30.05 19.85 22.38
N ILE B 323 29.80 19.24 21.23
CA ILE B 323 30.19 19.84 19.98
C ILE B 323 29.57 21.19 19.63
N ASN B 324 28.28 21.35 19.89
CA ASN B 324 27.62 22.62 19.60
C ASN B 324 28.00 23.74 20.51
N GLU B 325 28.19 23.41 21.77
CA GLU B 325 28.59 24.35 22.81
C GLU B 325 30.02 24.90 22.57
N HIS B 326 30.86 24.17 21.85
CA HIS B 326 32.24 24.61 21.58
C HIS B 326 32.54 24.72 20.09
N GLU B 327 31.81 25.60 19.41
CA GLU B 327 32.06 25.97 18.00
C GLU B 327 33.45 26.48 17.85
N GLN B 328 34.04 26.10 16.72
CA GLN B 328 35.44 26.33 16.41
C GLN B 328 35.62 27.28 15.25
N SER B 329 34.63 28.07 14.95
CA SER B 329 34.66 28.84 13.71
C SER B 329 35.32 30.23 13.83
N THR B 330 35.51 30.76 15.04
CA THR B 330 36.21 32.05 15.14
C THR B 330 37.71 31.88 14.95
N PRO B 331 38.34 32.69 14.08
CA PRO B 331 39.79 32.55 14.00
C PRO B 331 40.48 33.06 15.28
N VAL B 332 41.62 32.44 15.60
CA VAL B 332 42.43 32.77 16.75
C VAL B 332 43.76 33.32 16.28
N GLY B 333 44.41 34.12 17.13
CA GLY B 333 45.71 34.76 16.80
C GLY B 333 46.17 35.51 18.06
N GLY B 334 47.07 36.48 17.90
CA GLY B 334 47.55 37.24 19.04
C GLY B 334 46.58 38.25 19.59
N ASN B 335 47.10 39.20 20.36
CA ASN B 335 46.32 40.34 20.77
C ASN B 335 47.17 41.59 20.80
N ASN B 336 46.50 42.73 20.64
CA ASN B 336 47.15 44.04 20.37
C ASN B 336 48.14 44.00 19.21
N GLY B 337 47.80 43.23 18.18
CA GLY B 337 48.68 43.01 17.02
C GLY B 337 50.08 42.57 17.39
N LYS B 338 50.17 41.63 18.34
CA LYS B 338 51.45 41.07 18.77
C LYS B 338 51.49 39.65 18.28
N PRO B 339 52.69 39.10 18.10
CA PRO B 339 52.81 37.68 17.78
C PRO B 339 52.05 36.78 18.78
N PHE B 340 51.52 35.69 18.27
CA PHE B 340 50.73 34.75 19.06
C PHE B 340 51.60 34.19 20.16
N ASN B 341 51.09 34.13 21.38
CA ASN B 341 51.83 33.58 22.51
C ASN B 341 51.08 32.37 23.04
N PRO B 342 51.62 31.17 22.78
CA PRO B 342 50.96 29.91 23.17
C PRO B 342 50.78 29.75 24.66
N PHE B 343 51.54 30.51 25.46
CA PHE B 343 51.41 30.49 26.91
C PHE B 343 50.33 31.39 27.48
N THR B 344 49.95 32.44 26.75
CA THR B 344 48.96 33.39 27.27
C THR B 344 47.69 33.57 26.41
N ASP B 345 47.79 33.41 25.11
CA ASP B 345 46.69 33.71 24.21
C ASP B 345 45.89 32.49 23.82
N ALA B 346 45.91 31.42 24.61
CA ALA B 346 45.27 30.22 24.15
C ALA B 346 44.10 29.73 25.04
N SER B 347 43.29 30.66 25.46
CA SER B 347 42.12 30.42 26.27
C SER B 347 41.11 29.60 25.53
N PHE B 348 41.06 29.76 24.21
CA PHE B 348 40.22 28.91 23.36
C PHE B 348 40.56 27.39 23.39
N ALA B 349 41.75 27.02 23.84
CA ALA B 349 42.22 25.66 23.71
C ALA B 349 41.36 24.66 24.50
N GLN B 350 40.81 25.08 25.63
CA GLN B 350 40.00 24.21 26.44
C GLN B 350 38.83 23.69 25.65
N GLY B 351 38.20 24.62 24.91
CA GLY B 351 37.00 24.33 24.10
C GLY B 351 37.32 23.49 22.89
N MET B 352 38.45 23.79 22.24
CA MET B 352 38.87 23.03 21.12
C MET B 352 39.13 21.59 21.55
N LEU B 353 39.73 21.42 22.70
CA LEU B 353 40.04 20.08 23.21
C LEU B 353 38.77 19.31 23.54
N ALA B 354 37.83 19.97 24.19
CA ALA B 354 36.55 19.35 24.50
C ALA B 354 35.79 18.99 23.21
N ASN B 355 35.83 19.83 22.17
CA ASN B 355 35.18 19.51 20.88
C ASN B 355 35.85 18.30 20.18
N ALA B 356 37.14 18.38 20.02
CA ALA B 356 37.88 17.28 19.42
C ALA B 356 37.66 15.99 20.18
N SER B 357 37.68 16.01 21.51
CA SER B 357 37.48 14.80 22.30
C SER B 357 36.07 14.27 22.20
N ALA B 358 35.11 15.16 22.12
CA ALA B 358 33.75 14.72 21.91
C ALA B 358 33.62 13.98 20.54
N GLN B 359 34.25 14.51 19.49
CA GLN B 359 34.14 13.90 18.18
C GLN B 359 34.81 12.53 18.14
N ALA B 360 35.95 12.41 18.77
CA ALA B 360 36.66 11.09 18.83
C ALA B 360 35.82 10.13 19.61
N LYS B 361 35.19 10.59 20.69
CA LYS B 361 34.35 9.72 21.47
C LYS B 361 33.17 9.23 20.63
N MET B 362 32.57 10.09 19.82
CA MET B 362 31.49 9.65 18.97
C MET B 362 31.95 8.56 18.02
N LEU B 363 33.14 8.75 17.46
CA LEU B 363 33.66 7.80 16.52
C LEU B 363 33.93 6.47 17.16
N ASN B 364 34.52 6.47 18.31
CA ASN B 364 34.74 5.24 19.04
C ASN B 364 33.49 4.55 19.52
N LEU B 365 32.49 5.27 19.96
CA LEU B 365 31.25 4.62 20.41
C LEU B 365 30.57 4.06 19.19
N ALA B 366 30.62 4.77 18.10
CA ALA B 366 30.00 4.24 16.91
C ALA B 366 30.61 2.92 16.52
N HIS B 367 31.91 2.85 16.60
CA HIS B 367 32.61 1.62 16.35
C HIS B 367 32.19 0.54 17.35
N GLN B 368 32.10 0.89 18.61
CA GLN B 368 31.76 -0.14 19.64
C GLN B 368 30.37 -0.76 19.40
N VAL B 369 29.43 0.06 18.93
CA VAL B 369 28.10 -0.38 18.61
C VAL B 369 28.14 -1.43 17.56
N GLY B 370 28.82 -1.17 16.47
CA GLY B 370 29.01 -2.19 15.45
C GLY B 370 29.68 -3.47 15.90
N GLN B 371 30.65 -3.39 16.76
CA GLN B 371 31.37 -4.60 17.19
C GLN B 371 30.57 -5.46 18.15
N THR B 372 29.52 -4.91 18.74
CA THR B 372 28.75 -5.64 19.75
C THR B 372 27.89 -6.68 19.06
N ILE B 373 27.49 -6.38 17.83
CA ILE B 373 26.53 -7.18 17.08
C ILE B 373 27.12 -7.83 15.86
N ASN B 374 28.30 -7.42 15.44
CA ASN B 374 28.84 -7.89 14.19
C ASN B 374 29.16 -9.35 14.31
N PRO B 375 28.61 -10.17 13.39
CA PRO B 375 28.78 -11.62 13.48
C PRO B 375 30.19 -12.16 13.30
N ASP B 376 31.08 -11.37 12.72
CA ASP B 376 32.46 -11.80 12.56
C ASP B 376 33.11 -12.08 13.93
N ASN B 377 32.69 -11.37 14.98
CA ASN B 377 33.32 -11.53 16.29
C ASN B 377 32.42 -12.22 17.31
N LEU B 378 31.42 -12.96 16.84
CA LEU B 378 30.46 -13.55 17.73
C LEU B 378 30.65 -15.02 17.76
N THR B 379 30.16 -15.63 18.83
CA THR B 379 30.37 -17.05 19.03
C THR B 379 29.07 -17.83 19.31
N GLY B 380 29.04 -19.12 18.89
CA GLY B 380 28.03 -20.10 19.23
C GLY B 380 26.56 -19.67 19.02
N THR B 381 25.73 -19.97 20.00
CA THR B 381 24.33 -19.58 20.03
C THR B 381 24.03 -18.18 19.55
N PHE B 382 24.78 -17.23 20.08
CA PHE B 382 24.51 -15.84 19.78
C PHE B 382 24.84 -15.57 18.30
N LYS B 383 25.94 -16.15 17.81
CA LYS B 383 26.26 -16.01 16.40
C LYS B 383 25.14 -16.58 15.52
N ASN B 384 24.59 -17.75 15.86
CA ASN B 384 23.51 -18.36 15.07
C ASN B 384 22.31 -17.46 15.05
N PHE B 385 21.99 -16.89 16.19
CA PHE B 385 20.85 -16.04 16.26
C PHE B 385 20.99 -14.86 15.27
N VAL B 386 22.13 -14.20 15.25
CA VAL B 386 22.31 -13.04 14.43
C VAL B 386 22.42 -13.44 12.97
N THR B 387 23.21 -14.46 12.63
CA THR B 387 23.36 -14.82 11.21
C THR B 387 22.13 -15.54 10.65
N GLY B 388 21.52 -16.43 11.40
CA GLY B 388 20.34 -17.16 10.95
C GLY B 388 19.02 -16.40 11.01
N PHE B 389 18.89 -15.40 11.90
CA PHE B 389 17.59 -14.76 12.10
C PHE B 389 17.63 -13.24 12.06
N LEU B 390 18.36 -12.65 12.97
CA LEU B 390 18.34 -11.20 13.09
C LEU B 390 18.78 -10.45 11.83
N ALA B 391 19.80 -10.94 11.16
CA ALA B 391 20.35 -10.28 9.97
C ALA B 391 19.81 -10.93 8.74
N THR B 392 18.50 -10.98 8.64
CA THR B 392 17.83 -11.80 7.64
C THR B 392 16.51 -11.12 7.38
N CYS B 393 15.93 -11.30 6.20
CA CYS B 393 14.58 -10.89 5.96
C CYS B 393 13.86 -11.90 5.13
N ASN B 394 12.67 -12.30 5.56
CA ASN B 394 11.87 -13.17 4.77
C ASN B 394 10.78 -12.46 4.00
N ASN B 395 10.65 -11.15 4.14
CA ASN B 395 9.72 -10.40 3.30
C ASN B 395 10.16 -10.65 1.88
N LYS B 396 9.18 -10.87 0.99
CA LYS B 396 9.42 -10.93 -0.48
C LYS B 396 9.86 -9.60 -1.03
N GLY B 406 14.27 -5.31 -2.44
CA GLY B 406 14.10 -5.15 -0.99
C GLY B 406 12.89 -4.29 -0.61
N SER B 407 12.11 -4.75 0.39
CA SER B 407 10.92 -4.01 0.85
C SER B 407 11.37 -2.84 1.74
N PRO B 408 10.65 -1.69 1.70
CA PRO B 408 11.18 -0.51 2.42
C PRO B 408 11.34 -0.75 3.92
N PRO B 409 12.14 0.08 4.57
CA PRO B 409 12.20 -0.15 6.04
C PRO B 409 10.86 0.10 6.72
N GLY B 410 10.60 -0.60 7.80
CA GLY B 410 9.38 -0.44 8.59
C GLY B 410 8.17 -1.17 8.05
N THR B 411 8.35 -2.13 7.16
CA THR B 411 7.18 -2.78 6.58
C THR B 411 7.05 -4.16 7.22
N VAL B 412 5.82 -4.40 7.69
CA VAL B 412 5.43 -5.64 8.27
C VAL B 412 4.61 -6.41 7.25
N THR B 413 5.04 -7.62 6.90
CA THR B 413 4.24 -8.46 6.02
C THR B 413 3.95 -9.73 6.75
N THR B 414 3.20 -10.64 6.09
CA THR B 414 2.88 -11.91 6.65
C THR B 414 4.08 -12.81 6.73
N GLN B 415 5.19 -12.45 6.11
CA GLN B 415 6.39 -13.28 6.24
C GLN B 415 7.50 -12.59 7.03
N THR B 416 7.20 -11.48 7.69
CA THR B 416 8.18 -10.88 8.57
C THR B 416 8.64 -11.81 9.74
N PHE B 417 7.71 -12.52 10.35
CA PHE B 417 8.01 -13.31 11.55
C PHE B 417 9.23 -14.19 11.39
N ALA B 418 9.99 -14.32 12.48
CA ALA B 418 11.20 -15.15 12.55
C ALA B 418 12.38 -14.61 11.75
N SER B 419 12.33 -13.34 11.39
CA SER B 419 13.44 -12.73 10.70
C SER B 419 13.48 -11.30 11.15
N GLY B 420 14.63 -10.69 11.14
CA GLY B 420 14.76 -9.32 11.67
C GLY B 420 14.09 -8.27 10.81
N CYS B 421 14.26 -8.38 9.50
CA CYS B 421 13.65 -7.41 8.60
C CYS B 421 13.92 -5.95 9.04
N ALA B 422 15.13 -5.67 9.46
CA ALA B 422 15.43 -4.36 9.90
C ALA B 422 16.81 -3.95 9.35
N TYR B 423 17.20 -4.52 8.23
CA TYR B 423 18.35 -4.02 7.49
C TYR B 423 19.63 -4.05 8.33
N VAL B 424 19.72 -5.06 9.17
CA VAL B 424 20.85 -5.17 10.07
C VAL B 424 22.14 -5.43 9.29
N GLU B 425 22.10 -6.35 8.33
CA GLU B 425 23.30 -6.63 7.61
C GLU B 425 23.71 -5.37 6.85
N GLN B 426 22.80 -4.76 6.11
CA GLN B 426 23.17 -3.57 5.33
C GLN B 426 23.67 -2.44 6.24
N THR B 427 23.16 -2.34 7.46
CA THR B 427 23.57 -1.23 8.27
C THR B 427 25.01 -1.46 8.84
N ILE B 428 25.37 -2.69 9.11
CA ILE B 428 26.72 -3.01 9.54
C ILE B 428 27.69 -2.65 8.45
N THR B 429 27.35 -3.10 7.25
CA THR B 429 28.07 -2.75 6.08
C THR B 429 28.20 -1.23 5.90
N ASN B 430 27.14 -0.45 6.10
CA ASN B 430 27.25 1.01 5.87
C ASN B 430 27.99 1.72 6.95
N LEU B 431 27.89 1.21 8.16
CA LEU B 431 28.71 1.72 9.23
C LEU B 431 30.20 1.53 8.91
N ASN B 432 30.58 0.35 8.44
CA ASN B 432 31.96 0.13 8.11
C ASN B 432 32.36 1.04 6.95
N ASN B 433 31.53 1.12 5.92
CA ASN B 433 31.87 1.96 4.76
C ASN B 433 32.11 3.38 5.26
N SER B 434 31.30 3.85 6.18
CA SER B 434 31.43 5.24 6.58
C SER B 434 32.65 5.46 7.51
N ILE B 435 33.01 4.49 8.35
CA ILE B 435 34.24 4.54 9.13
C ILE B 435 35.43 4.52 8.20
N ALA B 436 35.36 3.73 7.15
CA ALA B 436 36.41 3.74 6.15
C ALA B 436 36.58 5.08 5.46
N HIS B 437 35.49 5.79 5.20
CA HIS B 437 35.55 7.13 4.51
C HIS B 437 35.81 8.27 5.48
N PHE B 438 36.03 7.94 6.74
CA PHE B 438 36.35 8.90 7.76
C PHE B 438 37.83 8.87 8.17
N GLY B 439 38.67 8.19 7.41
CA GLY B 439 40.09 8.13 7.69
C GLY B 439 40.81 9.43 7.88
N THR B 440 40.71 10.31 6.91
CA THR B 440 41.33 11.61 6.97
C THR B 440 40.82 12.36 8.20
N GLN B 441 39.51 12.36 8.36
CA GLN B 441 38.90 13.14 9.44
C GLN B 441 39.28 12.70 10.77
N GLU B 442 39.39 11.40 10.96
CA GLU B 442 39.83 10.89 12.25
C GLU B 442 41.23 11.44 12.54
N GLN B 443 42.13 11.42 11.56
CA GLN B 443 43.49 11.90 11.80
C GLN B 443 43.46 13.37 12.09
N GLN B 444 42.57 14.11 11.43
CA GLN B 444 42.48 15.53 11.70
C GLN B 444 41.98 15.85 13.10
N ILE B 445 41.04 15.04 13.58
CA ILE B 445 40.52 15.21 14.90
C ILE B 445 41.63 14.94 15.92
N GLN B 446 42.39 13.88 15.72
CA GLN B 446 43.46 13.58 16.67
C GLN B 446 44.51 14.67 16.70
N GLN B 447 44.84 15.18 15.54
CA GLN B 447 45.76 16.31 15.48
C GLN B 447 45.21 17.50 16.18
N ALA B 448 43.93 17.85 15.90
CA ALA B 448 43.38 19.00 16.59
C ALA B 448 43.44 18.81 18.07
N GLU B 449 43.24 17.59 18.53
CA GLU B 449 43.21 17.30 19.93
C GLU B 449 44.60 17.42 20.54
N ASN B 450 45.60 16.91 19.87
CA ASN B 450 46.98 17.11 20.29
C ASN B 450 47.46 18.54 20.32
N ILE B 451 47.05 19.32 19.33
CA ILE B 451 47.38 20.72 19.32
C ILE B 451 46.77 21.41 20.51
N ALA B 452 45.48 21.20 20.72
CA ALA B 452 44.82 21.87 21.87
C ALA B 452 45.39 21.43 23.20
N ASP B 453 45.75 20.17 23.28
CA ASP B 453 46.25 19.59 24.53
C ASP B 453 47.60 20.22 24.80
N THR B 454 48.38 20.45 23.76
CA THR B 454 49.64 21.14 23.93
C THR B 454 49.43 22.56 24.47
N LEU B 455 48.41 23.26 23.96
CA LEU B 455 48.17 24.64 24.41
C LEU B 455 47.62 24.67 25.81
N VAL B 456 46.75 23.72 26.16
CA VAL B 456 46.27 23.69 27.52
C VAL B 456 47.44 23.44 28.49
N ASN B 457 48.36 22.56 28.10
CA ASN B 457 49.54 22.36 28.91
C ASN B 457 50.41 23.58 29.10
N PHE B 458 50.70 24.29 28.01
CA PHE B 458 51.45 25.53 28.08
C PHE B 458 50.77 26.61 28.92
N GLY B 459 49.44 26.73 28.78
CA GLY B 459 48.64 27.71 29.56
C GLY B 459 48.51 27.49 31.06
N SER B 460 48.99 26.36 31.59
CA SER B 460 49.01 26.06 33.05
C SER B 460 49.92 26.89 33.97
N HIS B 461 49.29 27.68 34.84
CA HIS B 461 49.97 28.62 35.73
C HIS B 461 48.90 29.19 36.70
N VAL C 2 -40.52 -20.92 -17.17
CA VAL C 2 -41.82 -21.30 -17.82
C VAL C 2 -43.01 -21.32 -16.80
N GLN C 3 -42.73 -21.29 -15.51
CA GLN C 3 -43.70 -21.81 -14.61
C GLN C 3 -43.68 -21.03 -13.30
N LEU C 4 -44.85 -20.51 -13.00
CA LEU C 4 -45.11 -19.84 -11.80
C LEU C 4 -46.44 -20.43 -11.34
N GLN C 5 -46.51 -20.86 -10.10
CA GLN C 5 -47.66 -21.58 -9.60
C GLN C 5 -47.92 -21.28 -8.14
N GLU C 6 -48.88 -20.42 -7.89
CA GLU C 6 -49.20 -19.93 -6.58
C GLU C 6 -50.25 -20.82 -5.93
N SER C 7 -50.25 -20.89 -4.61
CA SER C 7 -51.26 -21.65 -3.88
C SER C 7 -51.34 -21.10 -2.45
N GLY C 8 -52.36 -21.55 -1.72
CA GLY C 8 -52.51 -21.20 -0.33
C GLY C 8 -53.65 -20.24 -0.06
N GLY C 9 -54.29 -19.72 -1.10
CA GLY C 9 -55.31 -18.69 -0.92
C GLY C 9 -56.55 -19.29 -0.34
N GLY C 10 -57.47 -18.48 0.12
CA GLY C 10 -58.73 -18.99 0.60
C GLY C 10 -59.52 -17.84 1.14
N LEU C 11 -60.67 -18.17 1.72
CA LEU C 11 -61.51 -17.21 2.40
C LEU C 11 -61.14 -17.19 3.90
N VAL C 12 -60.81 -16.03 4.47
CA VAL C 12 -60.52 -15.88 5.90
C VAL C 12 -61.22 -14.71 6.52
N GLN C 13 -61.12 -14.66 7.84
CA GLN C 13 -61.75 -13.69 8.68
C GLN C 13 -60.76 -12.52 8.85
N PRO C 14 -61.27 -11.30 9.05
CA PRO C 14 -60.37 -10.21 9.45
C PRO C 14 -59.64 -10.57 10.72
N GLY C 15 -58.37 -10.22 10.78
CA GLY C 15 -57.53 -10.54 11.91
C GLY C 15 -56.73 -11.77 11.58
N GLY C 16 -57.13 -12.48 10.52
CA GLY C 16 -56.60 -13.82 10.23
C GLY C 16 -55.23 -13.88 9.61
N SER C 17 -54.77 -15.09 9.35
CA SER C 17 -53.50 -15.36 8.68
C SER C 17 -53.65 -16.33 7.55
N LEU C 18 -52.72 -16.26 6.62
CA LEU C 18 -52.61 -17.17 5.53
C LEU C 18 -51.18 -17.23 5.12
N ARG C 19 -50.74 -18.37 4.66
CA ARG C 19 -49.45 -18.50 4.08
C ARG C 19 -49.57 -18.89 2.62
N LEU C 20 -49.12 -17.99 1.74
CA LEU C 20 -49.11 -18.31 0.31
C LEU C 20 -47.79 -18.94 -0.13
N SER C 21 -47.85 -19.80 -1.12
CA SER C 21 -46.65 -20.41 -1.71
C SER C 21 -46.59 -20.15 -3.19
N CYS C 22 -45.37 -20.16 -3.72
CA CYS C 22 -45.17 -20.11 -5.16
C CYS C 22 -44.07 -21.06 -5.52
N ALA C 23 -44.38 -22.04 -6.33
CA ALA C 23 -43.35 -22.88 -6.88
C ALA C 23 -42.94 -22.29 -8.23
N ALA C 24 -41.69 -21.90 -8.36
CA ALA C 24 -41.17 -21.28 -9.59
C ALA C 24 -40.14 -22.19 -10.22
N SER C 25 -39.96 -22.11 -11.51
CA SER C 25 -38.91 -22.89 -12.17
C SER C 25 -37.55 -22.31 -11.81
N GLY C 26 -36.48 -23.07 -12.05
CA GLY C 26 -35.12 -22.62 -11.79
C GLY C 26 -34.75 -21.41 -12.66
N SER C 27 -35.06 -21.46 -13.94
CA SER C 27 -34.91 -20.32 -14.85
C SER C 27 -35.34 -19.02 -14.24
N ILE C 28 -36.56 -18.99 -13.77
CA ILE C 28 -37.10 -17.77 -13.22
C ILE C 28 -36.49 -17.38 -11.88
N PHE C 29 -36.28 -18.36 -11.04
CA PHE C 29 -36.04 -18.08 -9.65
C PHE C 29 -34.53 -17.84 -9.38
N SER C 30 -33.71 -18.66 -9.97
CA SER C 30 -32.31 -18.73 -9.57
C SER C 30 -31.54 -17.43 -9.87
N GLY C 31 -31.00 -16.82 -8.81
CA GLY C 31 -30.25 -15.58 -8.89
C GLY C 31 -31.07 -14.38 -9.26
N ASN C 32 -32.37 -14.45 -9.09
CA ASN C 32 -33.23 -13.32 -9.43
C ASN C 32 -33.93 -12.78 -8.20
N VAL C 33 -34.23 -11.51 -8.24
CA VAL C 33 -35.11 -10.94 -7.23
C VAL C 33 -36.43 -11.55 -7.49
N MET C 34 -37.15 -11.91 -6.46
CA MET C 34 -38.52 -12.45 -6.62
C MET C 34 -39.52 -11.59 -5.86
N GLY C 35 -40.79 -11.62 -6.24
CA GLY C 35 -41.76 -10.88 -5.45
C GLY C 35 -43.22 -11.32 -5.55
N TRP C 36 -44.08 -10.61 -4.82
CA TRP C 36 -45.54 -10.86 -4.78
C TRP C 36 -46.31 -9.65 -5.22
N TYR C 37 -47.42 -9.90 -5.90
CA TYR C 37 -48.23 -8.90 -6.47
C TYR C 37 -49.65 -9.25 -6.15
N ARG C 38 -50.54 -8.30 -6.29
CA ARG C 38 -51.92 -8.63 -6.14
C ARG C 38 -52.78 -7.77 -7.00
N GLN C 39 -53.94 -8.28 -7.37
CA GLN C 39 -54.86 -7.55 -8.19
C GLN C 39 -56.23 -7.65 -7.54
N ALA C 40 -56.71 -6.50 -7.08
CA ALA C 40 -57.97 -6.39 -6.36
C ALA C 40 -59.11 -5.99 -7.33
N PRO C 41 -60.34 -6.24 -6.94
CA PRO C 41 -61.46 -5.85 -7.80
C PRO C 41 -61.43 -4.39 -8.25
N GLY C 42 -61.55 -4.15 -9.55
CA GLY C 42 -61.59 -2.80 -10.08
C GLY C 42 -60.24 -2.11 -10.16
N LYS C 43 -59.16 -2.80 -9.82
CA LYS C 43 -57.85 -2.18 -9.94
C LYS C 43 -56.92 -3.05 -10.75
N LEU C 44 -55.84 -2.42 -11.22
CA LEU C 44 -54.79 -3.13 -11.89
C LEU C 44 -53.87 -3.71 -10.83
N ARG C 45 -52.96 -4.56 -11.31
CA ARG C 45 -52.05 -5.29 -10.50
C ARG C 45 -51.14 -4.34 -9.73
N GLU C 46 -50.87 -4.64 -8.48
CA GLU C 46 -50.11 -3.78 -7.55
C GLU C 46 -48.96 -4.56 -6.95
N TRP C 47 -47.77 -3.98 -6.88
CA TRP C 47 -46.62 -4.68 -6.28
C TRP C 47 -46.79 -4.70 -4.78
N VAL C 48 -46.41 -5.80 -4.14
CA VAL C 48 -46.64 -5.96 -2.71
C VAL C 48 -45.37 -6.20 -1.90
N ALA C 49 -44.49 -7.07 -2.37
CA ALA C 49 -43.23 -7.33 -1.62
C ALA C 49 -42.20 -7.91 -2.51
N ALA C 50 -40.94 -7.81 -2.10
CA ALA C 50 -39.88 -8.42 -2.90
C ALA C 50 -38.75 -8.88 -2.03
N ILE C 51 -37.94 -9.79 -2.56
CA ILE C 51 -36.82 -10.36 -1.78
C ILE C 51 -35.65 -10.65 -2.68
N THR C 52 -34.45 -10.20 -2.31
CA THR C 52 -33.28 -10.48 -3.15
C THR C 52 -32.82 -11.95 -2.96
N PRO C 53 -31.95 -12.45 -3.83
CA PRO C 53 -31.39 -13.79 -3.67
C PRO C 53 -30.73 -13.99 -2.33
N GLN C 54 -30.12 -12.94 -1.78
CA GLN C 54 -29.50 -13.03 -0.45
C GLN C 54 -30.51 -12.81 0.65
N GLY C 55 -31.76 -12.63 0.29
CA GLY C 55 -32.82 -12.73 1.27
C GLY C 55 -33.23 -11.42 1.92
N VAL C 56 -32.85 -10.31 1.33
CA VAL C 56 -33.29 -9.04 1.83
C VAL C 56 -34.65 -8.73 1.30
N PRO C 57 -35.62 -8.58 2.21
CA PRO C 57 -37.02 -8.30 1.87
C PRO C 57 -37.31 -6.85 1.84
N ASN C 58 -38.28 -6.39 1.04
CA ASN C 58 -38.85 -5.03 1.18
C ASN C 58 -40.35 -5.04 0.76
N TYR C 59 -41.11 -4.04 1.19
CA TYR C 59 -42.57 -4.13 1.21
C TYR C 59 -43.22 -2.83 0.78
N ALA C 60 -44.44 -2.92 0.29
CA ALA C 60 -45.16 -1.75 -0.07
C ALA C 60 -45.71 -1.28 1.27
N ASP C 61 -45.96 0.03 1.39
CA ASP C 61 -46.46 0.57 2.62
C ASP C 61 -47.78 0.00 3.12
N SER C 62 -48.63 -0.44 2.21
CA SER C 62 -49.95 -0.92 2.66
C SER C 62 -49.84 -2.27 3.38
N VAL C 63 -48.73 -2.99 3.22
CA VAL C 63 -48.60 -4.29 3.88
C VAL C 63 -47.44 -4.37 4.84
N LYS C 64 -46.69 -3.30 4.99
CA LYS C 64 -45.47 -3.36 5.75
C LYS C 64 -45.86 -3.54 7.18
N GLY C 65 -45.06 -4.33 7.92
CA GLY C 65 -45.32 -4.66 9.32
C GLY C 65 -46.36 -5.77 9.51
N ARG C 66 -47.02 -6.27 8.46
CA ARG C 66 -48.02 -7.34 8.58
C ARG C 66 -47.71 -8.60 7.76
N PHE C 67 -47.05 -8.41 6.62
CA PHE C 67 -46.70 -9.50 5.71
C PHE C 67 -45.20 -9.72 5.78
N THR C 68 -44.78 -10.96 5.52
CA THR C 68 -43.37 -11.34 5.53
C THR C 68 -43.12 -12.23 4.35
N ILE C 69 -42.13 -11.83 3.56
CA ILE C 69 -41.81 -12.55 2.36
C ILE C 69 -40.56 -13.34 2.65
N SER C 70 -40.49 -14.55 2.14
CA SER C 70 -39.25 -15.33 2.30
C SER C 70 -39.05 -16.22 1.10
N ARG C 71 -37.88 -16.84 1.04
CA ARG C 71 -37.50 -17.65 -0.11
C ARG C 71 -36.72 -18.84 0.31
N ASP C 72 -36.89 -19.96 -0.37
CA ASP C 72 -36.09 -21.13 -0.08
C ASP C 72 -35.28 -21.50 -1.32
N ASN C 73 -34.00 -21.20 -1.28
CA ASN C 73 -33.20 -21.30 -2.48
C ASN C 73 -32.92 -22.72 -2.95
N ALA C 74 -32.85 -23.64 -2.02
CA ALA C 74 -32.72 -25.04 -2.37
C ALA C 74 -33.97 -25.63 -3.10
N LYS C 75 -35.15 -25.07 -2.91
CA LYS C 75 -36.37 -25.69 -3.44
C LYS C 75 -37.17 -24.80 -4.43
N ASN C 76 -36.59 -23.67 -4.81
CA ASN C 76 -37.23 -22.66 -5.67
C ASN C 76 -38.59 -22.23 -5.23
N MET C 77 -38.72 -21.95 -3.95
CA MET C 77 -40.01 -21.62 -3.36
C MET C 77 -40.01 -20.22 -2.81
N LEU C 78 -41.13 -19.55 -3.00
CA LEU C 78 -41.36 -18.21 -2.50
C LEU C 78 -42.59 -18.26 -1.61
N TYR C 79 -42.54 -17.53 -0.52
CA TYR C 79 -43.63 -17.60 0.45
C TYR C 79 -44.03 -16.23 0.89
N LEU C 80 -45.31 -16.09 1.21
CA LEU C 80 -45.77 -14.85 1.79
C LEU C 80 -46.67 -15.15 2.93
N GLN C 81 -46.16 -14.85 4.11
CA GLN C 81 -46.91 -15.04 5.33
C GLN C 81 -47.65 -13.75 5.54
N MET C 82 -48.97 -13.82 5.59
CA MET C 82 -49.83 -12.64 5.74
C MET C 82 -50.52 -12.69 7.11
N SER C 83 -50.38 -11.62 7.90
CA SER C 83 -51.12 -11.48 9.19
C SER C 83 -51.98 -10.24 9.27
N SER C 84 -52.81 -10.19 10.29
CA SER C 84 -53.70 -9.08 10.55
C SER C 84 -54.40 -8.71 9.27
N LEU C 85 -55.02 -9.69 8.63
CA LEU C 85 -55.63 -9.44 7.36
C LEU C 85 -56.84 -8.55 7.50
N LYS C 86 -57.06 -7.75 6.46
CA LYS C 86 -58.18 -6.81 6.40
C LYS C 86 -58.95 -7.08 5.15
N PRO C 87 -60.20 -6.65 5.10
CA PRO C 87 -60.95 -6.71 3.85
C PRO C 87 -60.22 -6.13 2.60
N GLU C 88 -59.50 -5.03 2.79
CA GLU C 88 -58.72 -4.38 1.74
C GLU C 88 -57.61 -5.28 1.11
N ASP C 89 -57.26 -6.38 1.77
CA ASP C 89 -56.29 -7.32 1.26
C ASP C 89 -56.92 -8.36 0.34
N THR C 90 -58.24 -8.33 0.20
CA THR C 90 -58.88 -9.20 -0.73
C THR C 90 -58.39 -8.96 -2.16
N ALA C 91 -57.93 -10.00 -2.84
CA ALA C 91 -57.34 -9.91 -4.19
C ALA C 91 -56.86 -11.28 -4.70
N LEU C 92 -56.58 -11.34 -6.00
CA LEU C 92 -55.77 -12.42 -6.60
C LEU C 92 -54.33 -12.10 -6.39
N TYR C 93 -53.58 -13.00 -5.76
CA TYR C 93 -52.17 -12.79 -5.48
C TYR C 93 -51.36 -13.60 -6.43
N TYR C 94 -50.24 -13.00 -6.88
CA TYR C 94 -49.39 -13.56 -7.92
C TYR C 94 -47.93 -13.38 -7.55
N CYS C 95 -47.11 -14.31 -7.94
CA CYS C 95 -45.70 -14.17 -7.78
C CYS C 95 -44.94 -14.16 -9.13
N ASN C 96 -43.79 -13.53 -9.11
CA ASN C 96 -43.00 -13.39 -10.30
C ASN C 96 -41.62 -12.95 -9.94
N ARG C 97 -40.71 -13.00 -10.90
CA ARG C 97 -39.45 -12.34 -10.67
C ARG C 97 -39.57 -10.86 -10.95
N LEU C 98 -38.56 -10.12 -10.52
CA LEU C 98 -38.41 -8.72 -10.86
C LEU C 98 -37.12 -8.54 -11.61
N PRO C 99 -37.17 -7.90 -12.79
CA PRO C 99 -38.35 -7.51 -13.56
C PRO C 99 -39.11 -8.73 -14.03
N ASN C 100 -40.36 -8.52 -14.41
CA ASN C 100 -41.30 -9.59 -14.54
C ASN C 100 -41.05 -10.45 -15.72
N TYR C 101 -41.23 -11.75 -15.58
CA TYR C 101 -41.38 -12.61 -16.74
C TYR C 101 -42.77 -12.31 -17.38
N ARG C 102 -42.83 -12.23 -18.69
CA ARG C 102 -44.02 -11.76 -19.40
C ARG C 102 -45.29 -12.60 -19.19
N SER C 103 -45.18 -13.86 -18.72
CA SER C 103 -46.37 -14.73 -18.53
C SER C 103 -46.59 -14.97 -17.06
N TRP C 104 -47.79 -14.68 -16.61
CA TRP C 104 -48.11 -14.78 -15.23
C TRP C 104 -48.73 -16.13 -14.97
N GLY C 105 -48.54 -16.63 -13.77
CA GLY C 105 -49.30 -17.80 -13.37
C GLY C 105 -50.77 -17.48 -13.14
N GLN C 106 -51.48 -18.45 -12.64
CA GLN C 106 -52.90 -18.33 -12.52
C GLN C 106 -53.33 -17.52 -11.27
N GLY C 107 -52.45 -17.41 -10.30
CA GLY C 107 -52.76 -16.69 -9.07
C GLY C 107 -53.51 -17.51 -8.04
N THR C 108 -53.65 -16.96 -6.85
CA THR C 108 -54.38 -17.63 -5.80
C THR C 108 -55.22 -16.58 -5.11
N GLN C 109 -56.51 -16.87 -5.01
CA GLN C 109 -57.49 -15.95 -4.51
C GLN C 109 -57.39 -15.86 -3.00
N VAL C 110 -57.30 -14.65 -2.49
CA VAL C 110 -57.48 -14.40 -1.07
C VAL C 110 -58.69 -13.49 -0.82
N THR C 111 -59.61 -13.96 0.00
CA THR C 111 -60.78 -13.19 0.36
C THR C 111 -60.82 -13.01 1.87
N VAL C 112 -60.97 -11.76 2.29
CA VAL C 112 -61.04 -11.48 3.70
C VAL C 112 -62.38 -10.87 4.01
N SER C 113 -63.15 -11.54 4.86
CA SER C 113 -64.55 -11.20 5.05
C SER C 113 -65.12 -11.76 6.35
N SER C 114 -65.94 -10.98 7.05
CA SER C 114 -66.55 -11.40 8.34
C SER C 114 -67.82 -12.24 8.15
N HIS C 115 -68.07 -13.10 9.15
CA HIS C 115 -69.17 -14.08 9.18
C HIS C 115 -70.27 -13.61 10.14
N VAL D 2 46.74 -6.47 20.21
CA VAL D 2 48.07 -6.31 20.88
C VAL D 2 49.19 -5.94 19.84
N GLN D 3 48.97 -6.22 18.57
CA GLN D 3 50.10 -6.36 17.71
C GLN D 3 49.81 -5.89 16.29
N LEU D 4 50.64 -4.98 15.84
CA LEU D 4 50.65 -4.49 14.51
C LEU D 4 52.12 -4.48 14.07
N GLN D 5 52.42 -5.02 12.93
CA GLN D 5 53.79 -5.34 12.56
C GLN D 5 53.98 -5.25 11.05
N GLU D 6 54.53 -4.15 10.60
CA GLU D 6 54.62 -3.83 9.18
C GLU D 6 55.97 -4.30 8.64
N SER D 7 56.03 -4.59 7.33
CA SER D 7 57.28 -4.94 6.70
C SER D 7 57.17 -4.70 5.22
N GLY D 8 58.30 -4.79 4.53
CA GLY D 8 58.34 -4.68 3.07
C GLY D 8 58.98 -3.40 2.56
N GLY D 9 59.32 -2.48 3.44
CA GLY D 9 59.81 -1.19 3.02
C GLY D 9 61.16 -1.36 2.44
N GLY D 10 61.72 -0.31 1.87
CA GLY D 10 63.08 -0.37 1.36
C GLY D 10 63.33 0.91 0.62
N LEU D 11 64.49 0.98 -0.05
CA LEU D 11 64.88 2.09 -0.89
C LEU D 11 64.55 1.75 -2.36
N VAL D 12 63.75 2.57 -3.01
CA VAL D 12 63.46 2.37 -4.43
C VAL D 12 63.61 3.64 -5.22
N GLN D 13 63.54 3.49 -6.53
CA GLN D 13 63.67 4.58 -7.47
C GLN D 13 62.30 5.12 -7.81
N PRO D 14 62.26 6.38 -8.26
CA PRO D 14 60.98 6.93 -8.78
C PRO D 14 60.52 6.14 -9.97
N GLY D 15 59.24 5.79 -9.97
CA GLY D 15 58.71 4.86 -10.95
C GLY D 15 58.54 3.45 -10.41
N GLY D 16 59.15 3.18 -9.25
CA GLY D 16 59.21 1.85 -8.71
C GLY D 16 57.95 1.33 -8.04
N SER D 17 58.00 0.07 -7.61
CA SER D 17 56.95 -0.59 -6.84
C SER D 17 57.50 -1.25 -5.58
N LEU D 18 56.62 -1.39 -4.62
CA LEU D 18 56.89 -2.07 -3.41
C LEU D 18 55.60 -2.66 -2.96
N ARG D 19 55.65 -3.80 -2.33
CA ARG D 19 54.53 -4.33 -1.62
C ARG D 19 54.76 -4.36 -0.11
N LEU D 20 53.96 -3.63 0.66
CA LEU D 20 54.06 -3.67 2.11
C LEU D 20 53.09 -4.67 2.74
N SER D 21 53.45 -5.19 3.90
CA SER D 21 52.62 -6.14 4.63
C SER D 21 52.44 -5.72 6.04
N CYS D 22 51.34 -6.14 6.62
CA CYS D 22 51.09 -5.92 8.01
C CYS D 22 50.45 -7.14 8.58
N ALA D 23 51.10 -7.71 9.57
CA ALA D 23 50.49 -8.82 10.31
C ALA D 23 49.81 -8.21 11.56
N ALA D 24 48.51 -8.35 11.66
CA ALA D 24 47.77 -7.80 12.76
C ALA D 24 47.23 -8.95 13.60
N SER D 25 46.98 -8.73 14.87
CA SER D 25 46.32 -9.75 15.70
C SER D 25 44.85 -9.85 15.28
N GLY D 26 44.21 -10.95 15.66
CA GLY D 26 42.79 -11.16 15.40
C GLY D 26 41.90 -10.11 16.07
N SER D 27 42.14 -9.82 17.35
CA SER D 27 41.48 -8.73 18.07
C SER D 27 41.35 -7.48 17.22
N ILE D 28 42.46 -7.00 16.70
CA ILE D 28 42.44 -5.81 15.91
C ILE D 28 41.78 -5.95 14.56
N PHE D 29 42.03 -7.06 13.90
CA PHE D 29 41.76 -7.15 12.48
C PHE D 29 40.33 -7.62 12.20
N SER D 30 39.90 -8.59 12.95
CA SER D 30 38.71 -9.34 12.60
C SER D 30 37.47 -8.49 12.68
N GLY D 31 36.74 -8.40 11.57
CA GLY D 31 35.50 -7.62 11.46
C GLY D 31 35.70 -6.14 11.59
N ASN D 32 36.90 -5.65 11.34
CA ASN D 32 37.18 -4.23 11.44
C ASN D 32 37.66 -3.66 10.12
N VAL D 33 37.39 -2.39 9.91
CA VAL D 33 37.98 -1.69 8.83
C VAL D 33 39.43 -1.60 9.13
N MET D 34 40.28 -1.80 8.15
CA MET D 34 41.73 -1.67 8.38
C MET D 34 42.34 -0.65 7.46
N GLY D 35 43.50 -0.10 7.78
CA GLY D 35 44.09 0.87 6.83
C GLY D 35 45.58 1.17 6.99
N TRP D 36 46.11 1.99 6.09
CA TRP D 36 47.49 2.35 6.01
C TRP D 36 47.64 3.85 6.20
N TYR D 37 48.76 4.24 6.79
CA TYR D 37 49.07 5.57 7.18
C TYR D 37 50.50 5.79 6.87
N ARG D 38 50.92 7.03 6.81
CA ARG D 38 52.30 7.27 6.64
C ARG D 38 52.70 8.57 7.27
N GLN D 39 53.94 8.67 7.65
CA GLN D 39 54.44 9.85 8.34
C GLN D 39 55.73 10.24 7.68
N ALA D 40 55.70 11.37 7.02
CA ALA D 40 56.83 11.85 6.21
C ALA D 40 57.63 12.87 7.01
N PRO D 41 58.87 13.10 6.60
CA PRO D 41 59.69 14.08 7.36
C PRO D 41 59.02 15.41 7.54
N GLY D 42 58.97 15.91 8.77
CA GLY D 42 58.42 17.23 9.04
C GLY D 42 56.91 17.28 9.05
N LYS D 43 56.23 16.16 8.92
CA LYS D 43 54.79 16.16 8.98
C LYS D 43 54.25 15.13 9.97
N LEU D 44 53.01 15.34 10.39
CA LEU D 44 52.33 14.41 11.20
C LEU D 44 51.80 13.32 10.33
N ARG D 45 51.33 12.27 11.00
CA ARG D 45 50.88 11.09 10.36
C ARG D 45 49.66 11.43 9.46
N GLU D 46 49.59 10.83 8.29
CA GLU D 46 48.57 11.12 7.26
C GLU D 46 47.89 9.80 6.84
N TRP D 47 46.56 9.80 6.73
CA TRP D 47 45.86 8.61 6.31
C TRP D 47 46.11 8.39 4.86
N VAL D 48 46.24 7.13 4.45
CA VAL D 48 46.52 6.82 3.05
C VAL D 48 45.46 5.92 2.37
N ALA D 49 44.99 4.87 3.03
CA ALA D 49 44.02 3.99 2.38
C ALA D 49 43.29 3.17 3.40
N ALA D 50 42.13 2.64 3.04
CA ALA D 50 41.42 1.81 3.96
C ALA D 50 40.61 0.76 3.22
N ILE D 51 40.22 -0.29 3.93
CA ILE D 51 39.49 -1.39 3.31
C ILE D 51 38.52 -2.00 4.34
N THR D 52 37.28 -2.22 3.93
CA THR D 52 36.31 -2.81 4.83
C THR D 52 36.55 -4.32 4.92
N PRO D 53 35.94 -4.97 5.92
CA PRO D 53 36.00 -6.42 6.00
C PRO D 53 35.59 -7.14 4.72
N GLN D 54 34.60 -6.62 3.99
CA GLN D 54 34.17 -7.22 2.75
C GLN D 54 35.03 -6.80 1.60
N GLY D 55 36.06 -6.02 1.87
CA GLY D 55 37.11 -5.82 0.87
C GLY D 55 36.93 -4.63 -0.06
N VAL D 56 36.04 -3.70 0.28
CA VAL D 56 35.92 -2.44 -0.43
C VAL D 56 36.97 -1.44 0.02
N PRO D 57 37.90 -1.06 -0.90
CA PRO D 57 38.99 -0.16 -0.65
C PRO D 57 38.62 1.28 -0.94
N ASN D 58 39.25 2.24 -0.28
CA ASN D 58 39.16 3.67 -0.66
C ASN D 58 40.52 4.33 -0.31
N TYR D 59 40.80 5.47 -0.93
CA TYR D 59 42.17 6.02 -0.98
C TYR D 59 42.19 7.51 -0.77
N ALA D 60 43.30 8.02 -0.31
CA ALA D 60 43.44 9.46 -0.19
C ALA D 60 43.76 9.90 -1.59
N ASP D 61 43.43 11.12 -1.93
CA ASP D 61 43.70 11.62 -3.26
C ASP D 61 45.15 11.58 -3.68
N SER D 62 46.08 11.66 -2.75
CA SER D 62 47.49 11.75 -3.13
C SER D 62 48.03 10.38 -3.59
N VAL D 63 47.33 9.30 -3.32
CA VAL D 63 47.77 8.00 -3.77
C VAL D 63 46.79 7.30 -4.68
N LYS D 64 45.67 7.91 -4.95
CA LYS D 64 44.61 7.23 -5.63
C LYS D 64 45.10 6.97 -7.04
N GLY D 65 44.71 5.82 -7.61
CA GLY D 65 45.17 5.36 -8.93
C GLY D 65 46.57 4.74 -8.94
N ARG D 66 47.32 4.77 -7.84
CA ARG D 66 48.67 4.25 -7.82
C ARG D 66 48.92 3.14 -6.80
N PHE D 67 48.19 3.19 -5.70
CA PHE D 67 48.31 2.25 -4.63
C PHE D 67 47.09 1.38 -4.65
N THR D 68 47.23 0.16 -4.14
CA THR D 68 46.14 -0.78 -3.99
C THR D 68 46.24 -1.41 -2.63
N ILE D 69 45.13 -1.38 -1.90
CA ILE D 69 45.09 -1.97 -0.58
C ILE D 69 44.32 -3.26 -0.67
N SER D 70 44.78 -4.27 0.05
CA SER D 70 44.01 -5.52 0.09
C SER D 70 44.17 -6.20 1.43
N ARG D 71 43.39 -7.23 1.65
CA ARG D 71 43.34 -7.89 2.92
C ARG D 71 43.22 -9.39 2.72
N ASP D 72 43.79 -10.17 3.61
CA ASP D 72 43.54 -11.60 3.64
C ASP D 72 42.90 -12.01 4.98
N ASN D 73 41.60 -12.27 4.95
CA ASN D 73 40.86 -12.51 6.17
C ASN D 73 41.20 -13.78 6.88
N ALA D 74 41.59 -14.79 6.14
CA ALA D 74 42.05 -16.03 6.74
C ALA D 74 43.40 -15.88 7.53
N LYS D 75 44.23 -14.90 7.21
CA LYS D 75 45.57 -14.87 7.77
C LYS D 75 45.85 -13.58 8.53
N ASN D 76 44.81 -12.77 8.75
CA ASN D 76 44.94 -11.44 9.37
C ASN D 76 46.02 -10.57 8.80
N MET D 77 46.08 -10.52 7.47
CA MET D 77 47.11 -9.75 6.78
C MET D 77 46.51 -8.58 5.97
N LEU D 78 47.24 -7.48 5.98
CA LEU D 78 46.91 -6.31 5.24
C LEU D 78 48.06 -6.01 4.31
N TYR D 79 47.75 -5.57 3.10
CA TYR D 79 48.81 -5.34 2.11
C TYR D 79 48.59 -4.00 1.45
N LEU D 80 49.69 -3.38 1.05
CA LEU D 80 49.64 -2.19 0.24
C LEU D 80 50.65 -2.28 -0.91
N GLN D 81 50.12 -2.43 -2.10
CA GLN D 81 50.88 -2.48 -3.30
C GLN D 81 50.99 -1.04 -3.77
N MET D 82 52.19 -0.55 -3.86
CA MET D 82 52.47 0.80 -4.22
C MET D 82 53.16 0.82 -5.56
N SER D 83 52.64 1.56 -6.53
CA SER D 83 53.26 1.77 -7.84
C SER D 83 53.48 3.22 -8.16
N SER D 84 54.22 3.45 -9.22
CA SER D 84 54.57 4.78 -9.67
C SER D 84 55.04 5.64 -8.50
N LEU D 85 56.00 5.14 -7.77
CA LEU D 85 56.42 5.86 -6.61
C LEU D 85 57.06 7.16 -6.99
N LYS D 86 56.92 8.15 -6.10
CA LYS D 86 57.52 9.46 -6.19
C LYS D 86 58.31 9.75 -4.94
N PRO D 87 59.21 10.72 -5.01
CA PRO D 87 59.95 11.11 -3.83
C PRO D 87 59.06 11.53 -2.67
N GLU D 88 57.96 12.19 -2.96
CA GLU D 88 56.96 12.57 -1.95
C GLU D 88 56.35 11.39 -1.17
N ASP D 89 56.48 10.15 -1.66
CA ASP D 89 55.95 9.01 -0.98
C ASP D 89 56.93 8.49 0.05
N THR D 90 58.11 9.09 0.12
CA THR D 90 59.05 8.74 1.15
C THR D 90 58.48 8.99 2.55
N ALA D 91 58.46 7.98 3.39
CA ALA D 91 57.85 8.07 4.74
C ALA D 91 58.00 6.77 5.46
N LEU D 92 57.72 6.83 6.75
CA LEU D 92 57.40 5.62 7.55
C LEU D 92 55.93 5.28 7.30
N TYR D 93 55.67 4.05 6.89
CA TYR D 93 54.32 3.60 6.69
C TYR D 93 53.88 2.69 7.83
N TYR D 94 52.59 2.79 8.21
CA TYR D 94 52.03 2.14 9.40
C TYR D 94 50.66 1.66 9.09
N CYS D 95 50.25 0.60 9.72
CA CYS D 95 48.92 0.11 9.57
C CYS D 95 48.21 0.07 10.92
N ASN D 96 46.88 0.11 10.84
CA ASN D 96 46.08 0.08 11.97
C ASN D 96 44.66 -0.24 11.61
N ARG D 97 43.80 -0.47 12.61
CA ARG D 97 42.37 -0.44 12.31
C ARG D 97 41.85 0.97 12.28
N LEU D 98 40.65 1.12 11.74
CA LEU D 98 39.87 2.35 11.84
C LEU D 98 38.60 2.09 12.61
N PRO D 99 38.32 2.90 13.63
CA PRO D 99 39.17 3.88 14.27
C PRO D 99 40.37 3.22 14.95
N ASN D 100 41.40 4.00 15.23
CA ASN D 100 42.71 3.46 15.51
C ASN D 100 42.79 2.83 16.87
N TYR D 101 43.51 1.72 16.96
CA TYR D 101 43.94 1.17 18.25
C TYR D 101 45.01 2.11 18.78
N ARG D 102 45.00 2.38 20.05
CA ARG D 102 45.85 3.41 20.66
C ARG D 102 47.37 3.20 20.59
N SER D 103 47.84 2.00 20.35
CA SER D 103 49.28 1.72 20.22
C SER D 103 49.65 1.38 18.79
N TRP D 104 50.64 2.05 18.26
CA TRP D 104 51.05 1.87 16.91
C TRP D 104 52.21 0.87 16.85
N GLY D 105 52.32 0.14 15.74
CA GLY D 105 53.53 -0.61 15.49
C GLY D 105 54.73 0.29 15.16
N GLN D 106 55.79 -0.36 14.78
CA GLN D 106 57.08 0.26 14.54
C GLN D 106 57.13 0.97 13.17
N GLY D 107 56.31 0.54 12.22
CA GLY D 107 56.35 1.07 10.89
C GLY D 107 57.42 0.47 10.00
N THR D 108 57.35 0.74 8.72
CA THR D 108 58.33 0.26 7.76
C THR D 108 58.68 1.46 6.87
N GLN D 109 59.98 1.70 6.77
CA GLN D 109 60.54 2.82 6.07
C GLN D 109 60.49 2.60 4.58
N VAL D 110 59.91 3.53 3.87
CA VAL D 110 59.99 3.58 2.43
C VAL D 110 60.73 4.84 1.99
N THR D 111 61.81 4.67 1.23
CA THR D 111 62.55 5.77 0.69
C THR D 111 62.55 5.70 -0.86
N VAL D 112 62.16 6.81 -1.48
CA VAL D 112 62.11 6.88 -2.92
C VAL D 112 63.06 7.94 -3.38
N SER D 113 64.04 7.52 -4.16
CA SER D 113 65.17 8.37 -4.50
C SER D 113 65.89 7.81 -5.70
N SER D 114 66.32 8.64 -6.64
CA SER D 114 66.89 8.07 -7.89
C SER D 114 68.39 7.79 -7.85
N HIS D 115 68.78 6.74 -8.60
CA HIS D 115 70.18 6.40 -8.90
C HIS D 115 70.49 6.90 -10.29
#